data_3W78
#
_entry.id   3W78
#
_cell.length_a   146.370
_cell.length_b   146.370
_cell.length_c   116.200
_cell.angle_alpha   90.000
_cell.angle_beta   90.000
_cell.angle_gamma   120.000
#
_symmetry.space_group_name_H-M   'P 32 2 1'
#
loop_
_entity.id
_entity.type
_entity.pdbx_description
1 polymer 'FMN-dependent NADH-azoreductase'
2 non-polymer 'FLAVIN MONONUCLEOTIDE'
3 non-polymer 'CIBACRON BLUE'
4 water water
#
_entity_poly.entity_id   1
_entity_poly.type   'polypeptide(L)'
_entity_poly.pdbx_seq_one_letter_code
;MTKVLFITANPNSAEGSFGMAVGEAFIEAYKNEHPQDEVVTIDLFNTTVPAIDADVFAAWGKFAAGEGFEALTEVQQQKV
AAMNTNLETFMNADRYVFVTPMWNFSYPPVVKAYLDNVAIAGKTFKYTENGPVGLLEGKKALHIQATGGVYSEGAYAAVD
FGRNHLKTVLGFVGVNDTEYIAVEGMNANPEKAQEIKEAAIANARELAKRF
;
_entity_poly.pdbx_strand_id   A,D,B,C
#
loop_
_chem_comp.id
_chem_comp.type
_chem_comp.name
_chem_comp.formula
CBD non-polymer 'CIBACRON BLUE' 'C29 H20 Cl N7 O11 S3'
FMN non-polymer 'FLAVIN MONONUCLEOTIDE' 'C17 H21 N4 O9 P'
#
# COMPACT_ATOMS: atom_id res chain seq x y z
N THR A 2 -13.85 12.60 27.95
CA THR A 2 -13.08 12.12 26.76
C THR A 2 -12.29 10.87 27.12
N LYS A 3 -12.57 9.77 26.43
CA LYS A 3 -11.89 8.51 26.70
C LYS A 3 -10.90 8.16 25.59
N VAL A 4 -9.66 7.88 26.00
CA VAL A 4 -8.58 7.59 25.08
C VAL A 4 -8.14 6.13 25.24
N LEU A 5 -7.94 5.49 24.10
CA LEU A 5 -7.39 4.15 24.03
C LEU A 5 -5.94 4.20 23.59
N PHE A 6 -5.04 3.78 24.47
CA PHE A 6 -3.63 3.65 24.14
C PHE A 6 -3.36 2.21 23.72
N ILE A 7 -3.46 1.97 22.42
CA ILE A 7 -3.35 0.61 21.87
C ILE A 7 -1.92 0.40 21.38
N THR A 8 -1.23 -0.55 22.00
CA THR A 8 0.17 -0.83 21.69
C THR A 8 0.38 -2.27 21.21
N ALA A 9 1.28 -2.42 20.24
CA ALA A 9 1.64 -3.74 19.74
C ALA A 9 3.17 -3.85 19.65
N ASN A 10 3.80 -3.81 20.82
CA ASN A 10 5.24 -3.99 20.93
C ASN A 10 5.58 -4.92 22.08
N PRO A 11 6.20 -6.07 21.78
CA PRO A 11 6.52 -7.03 22.83
C PRO A 11 7.53 -6.47 23.82
N ASN A 12 7.38 -6.84 25.09
CA ASN A 12 8.24 -6.36 26.16
C ASN A 12 9.59 -7.09 26.13
N SER A 13 10.39 -6.83 25.11
CA SER A 13 11.71 -7.45 24.98
C SER A 13 12.75 -6.64 25.76
N ALA A 14 13.99 -7.12 25.75
CA ALA A 14 15.07 -6.47 26.50
C ALA A 14 15.57 -5.19 25.85
N GLU A 15 15.51 -5.13 24.51
CA GLU A 15 16.15 -4.08 23.72
C GLU A 15 15.61 -2.66 23.96
N GLY A 16 14.31 -2.56 24.23
CA GLY A 16 13.67 -1.25 24.36
C GLY A 16 12.88 -0.93 23.11
N SER A 17 12.10 0.15 23.17
CA SER A 17 11.24 0.50 22.07
C SER A 17 11.19 2.01 21.83
N PHE A 18 11.57 2.41 20.63
CA PHE A 18 11.50 3.82 20.21
C PHE A 18 10.05 4.30 20.17
N GLY A 19 9.17 3.45 19.62
CA GLY A 19 7.76 3.77 19.48
C GLY A 19 7.08 3.94 20.84
N MET A 20 7.43 3.07 21.77
CA MET A 20 6.88 3.11 23.12
C MET A 20 7.33 4.34 23.89
N ALA A 21 8.57 4.77 23.66
CA ALA A 21 9.10 5.96 24.30
C ALA A 21 8.37 7.22 23.83
N VAL A 22 8.09 7.28 22.52
CA VAL A 22 7.34 8.39 21.94
C VAL A 22 5.87 8.36 22.39
N GLY A 23 5.30 7.16 22.44
CA GLY A 23 3.91 6.96 22.88
C GLY A 23 3.67 7.34 24.34
N GLU A 24 4.54 6.87 25.23
CA GLU A 24 4.47 7.23 26.65
C GLU A 24 4.69 8.72 26.90
N ALA A 25 5.56 9.34 26.11
CA ALA A 25 5.77 10.78 26.18
C ALA A 25 4.52 11.55 25.77
N PHE A 26 3.86 11.10 24.70
CA PHE A 26 2.57 11.65 24.28
C PHE A 26 1.49 11.52 25.36
N ILE A 27 1.34 10.32 25.90
CA ILE A 27 0.29 10.01 26.88
C ILE A 27 0.46 10.76 28.20
N GLU A 28 1.70 10.90 28.65
CA GLU A 28 2.03 11.67 29.84
C GLU A 28 1.79 13.16 29.63
N ALA A 29 2.11 13.64 28.42
CA ALA A 29 1.88 15.04 28.06
C ALA A 29 0.39 15.33 27.89
N TYR A 30 -0.34 14.34 27.39
CA TYR A 30 -1.79 14.46 27.22
C TYR A 30 -2.51 14.44 28.57
N LYS A 31 -2.10 13.52 29.45
CA LYS A 31 -2.69 13.42 30.78
C LYS A 31 -2.45 14.67 31.63
N ASN A 32 -1.29 15.30 31.44
CA ASN A 32 -1.01 16.60 32.07
C ASN A 32 -1.91 17.72 31.57
N GLU A 33 -2.23 17.70 30.27
CA GLU A 33 -3.12 18.70 29.69
C GLU A 33 -4.58 18.44 30.03
N HIS A 34 -4.93 17.16 30.19
CA HIS A 34 -6.31 16.77 30.47
C HIS A 34 -6.38 15.80 31.62
N PRO A 35 -6.22 16.32 32.86
CA PRO A 35 -6.16 15.45 34.05
C PRO A 35 -7.43 14.66 34.31
N GLN A 36 -8.54 15.05 33.67
CA GLN A 36 -9.84 14.42 33.88
C GLN A 36 -10.16 13.31 32.87
N ASP A 37 -9.48 13.32 31.74
CA ASP A 37 -9.70 12.31 30.70
C ASP A 37 -9.20 10.95 31.14
N GLU A 38 -9.98 9.91 30.84
CA GLU A 38 -9.57 8.54 31.14
C GLU A 38 -8.76 7.95 30.00
N VAL A 39 -7.62 7.36 30.36
CA VAL A 39 -6.76 6.70 29.41
C VAL A 39 -6.69 5.21 29.75
N VAL A 40 -6.96 4.39 28.75
CA VAL A 40 -6.97 2.95 28.91
C VAL A 40 -5.90 2.34 28.01
N THR A 41 -5.02 1.54 28.60
CA THR A 41 -3.95 0.86 27.86
C THR A 41 -4.42 -0.52 27.43
N ILE A 42 -4.45 -0.73 26.11
CA ILE A 42 -4.67 -2.08 25.57
C ILE A 42 -3.35 -2.56 24.99
N ASP A 43 -2.71 -3.48 25.71
CA ASP A 43 -1.49 -4.10 25.22
C ASP A 43 -1.86 -5.35 24.40
N LEU A 44 -1.67 -5.25 23.08
CA LEU A 44 -2.10 -6.32 22.16
C LEU A 44 -1.38 -7.67 22.34
N PHE A 45 -0.18 -7.64 22.93
CA PHE A 45 0.56 -8.86 23.25
C PHE A 45 0.12 -9.50 24.59
N ASN A 46 -0.80 -8.83 25.31
CA ASN A 46 -1.34 -9.37 26.56
C ASN A 46 -2.86 -9.19 26.68
N THR A 47 -3.52 -9.13 25.53
CA THR A 47 -4.97 -9.05 25.43
C THR A 47 -5.40 -10.21 24.55
N THR A 48 -6.56 -10.79 24.84
CA THR A 48 -7.13 -11.82 23.97
C THR A 48 -7.70 -11.16 22.73
N VAL A 49 -7.10 -11.48 21.58
CA VAL A 49 -7.51 -10.91 20.30
C VAL A 49 -7.73 -12.09 19.35
N PRO A 50 -8.94 -12.70 19.41
CA PRO A 50 -9.21 -13.89 18.62
C PRO A 50 -9.20 -13.60 17.14
N ALA A 51 -8.44 -14.38 16.40
CA ALA A 51 -8.44 -14.36 14.95
C ALA A 51 -9.75 -14.93 14.45
N ILE A 52 -10.27 -14.37 13.37
CA ILE A 52 -11.40 -14.96 12.66
C ILE A 52 -10.95 -16.31 12.09
N ASP A 53 -11.59 -17.37 12.56
CA ASP A 53 -11.23 -18.75 12.18
C ASP A 53 -12.46 -19.63 12.00
N ALA A 54 -12.26 -20.94 12.01
CA ALA A 54 -13.36 -21.90 11.80
C ALA A 54 -14.46 -21.79 12.86
N ASP A 55 -14.05 -21.57 14.11
CA ASP A 55 -14.99 -21.35 15.20
C ASP A 55 -15.84 -20.08 15.04
N VAL A 56 -15.20 -18.97 14.65
CA VAL A 56 -15.88 -17.69 14.42
C VAL A 56 -16.90 -17.78 13.27
N PHE A 57 -16.49 -18.42 12.17
CA PHE A 57 -17.42 -18.67 11.06
C PHE A 57 -18.58 -19.60 11.46
N ALA A 58 -18.31 -20.57 12.33
CA ALA A 58 -19.34 -21.47 12.83
C ALA A 58 -20.33 -20.72 13.73
N ALA A 59 -19.81 -19.82 14.57
CA ALA A 59 -20.66 -18.96 15.40
C ALA A 59 -21.53 -18.05 14.52
N TRP A 60 -20.92 -17.45 13.50
CA TRP A 60 -21.64 -16.58 12.56
C TRP A 60 -22.71 -17.30 11.79
N GLY A 61 -22.40 -18.51 11.34
CA GLY A 61 -23.37 -19.37 10.66
C GLY A 61 -24.58 -19.73 11.51
N LYS A 62 -24.38 -19.83 12.83
CA LYS A 62 -25.47 -20.12 13.75
C LYS A 62 -26.33 -18.88 14.01
N PHE A 63 -25.71 -17.70 14.05
CA PHE A 63 -26.43 -16.44 14.24
C PHE A 63 -27.32 -16.15 13.04
N ALA A 64 -26.80 -16.44 11.85
CA ALA A 64 -27.56 -16.31 10.60
C ALA A 64 -28.74 -17.28 10.56
N ALA A 65 -28.57 -18.45 11.19
CA ALA A 65 -29.60 -19.50 11.20
C ALA A 65 -30.61 -19.34 12.35
N GLY A 66 -30.62 -18.17 12.98
CA GLY A 66 -31.61 -17.85 14.02
C GLY A 66 -31.31 -18.40 15.40
N GLU A 67 -30.25 -19.20 15.51
CA GLU A 67 -29.80 -19.71 16.81
C GLU A 67 -29.02 -18.63 17.54
N GLY A 68 -28.94 -18.75 18.87
CA GLY A 68 -28.30 -17.72 19.68
C GLY A 68 -26.93 -18.08 20.19
N PHE A 69 -26.52 -17.40 21.26
CA PHE A 69 -25.23 -17.58 21.90
C PHE A 69 -25.11 -18.95 22.58
N GLU A 70 -26.21 -19.47 23.11
CA GLU A 70 -26.22 -20.78 23.78
C GLU A 70 -25.95 -21.97 22.84
N ALA A 71 -26.14 -21.76 21.54
CA ALA A 71 -25.90 -22.79 20.54
C ALA A 71 -24.42 -22.94 20.19
N LEU A 72 -23.60 -22.02 20.67
CA LEU A 72 -22.14 -22.05 20.46
C LEU A 72 -21.49 -22.97 21.49
N THR A 73 -20.38 -23.60 21.09
CA THR A 73 -19.54 -24.37 22.01
C THR A 73 -18.87 -23.42 23.01
N GLU A 74 -18.22 -23.99 24.04
CA GLU A 74 -17.50 -23.18 25.03
C GLU A 74 -16.40 -22.32 24.39
N VAL A 75 -15.63 -22.93 23.48
CA VAL A 75 -14.52 -22.26 22.78
C VAL A 75 -15.03 -21.13 21.88
N GLN A 76 -16.14 -21.39 21.18
CA GLN A 76 -16.79 -20.40 20.33
C GLN A 76 -17.33 -19.23 21.15
N GLN A 77 -17.93 -19.54 22.29
CA GLN A 77 -18.45 -18.53 23.20
C GLN A 77 -17.35 -17.62 23.75
N GLN A 78 -16.22 -18.22 24.10
CA GLN A 78 -15.07 -17.47 24.61
C GLN A 78 -14.46 -16.60 23.53
N LYS A 79 -14.47 -17.09 22.29
CA LYS A 79 -13.95 -16.35 21.14
C LYS A 79 -14.80 -15.12 20.78
N VAL A 80 -16.12 -15.28 20.69
CA VAL A 80 -16.96 -14.14 20.31
C VAL A 80 -17.18 -13.13 21.44
N ALA A 81 -17.12 -13.59 22.69
CA ALA A 81 -17.19 -12.69 23.85
C ALA A 81 -15.96 -11.79 23.94
N ALA A 82 -14.80 -12.36 23.65
CA ALA A 82 -13.55 -11.61 23.63
C ALA A 82 -13.51 -10.65 22.44
N MET A 83 -14.10 -11.07 21.32
CA MET A 83 -14.20 -10.20 20.13
C MET A 83 -15.12 -9.01 20.39
N ASN A 84 -16.29 -9.27 20.98
CA ASN A 84 -17.26 -8.22 21.31
C ASN A 84 -16.75 -7.25 22.38
N THR A 85 -15.94 -7.75 23.31
CA THR A 85 -15.41 -6.88 24.36
C THR A 85 -14.37 -5.90 23.79
N ASN A 86 -13.55 -6.37 22.86
CA ASN A 86 -12.62 -5.51 22.13
C ASN A 86 -13.36 -4.47 21.30
N LEU A 87 -14.40 -4.92 20.62
CA LEU A 87 -15.26 -4.07 19.79
C LEU A 87 -15.96 -2.97 20.60
N GLU A 88 -16.62 -3.36 21.69
CA GLU A 88 -17.33 -2.41 22.55
C GLU A 88 -16.39 -1.34 23.09
N THR A 89 -15.22 -1.76 23.56
CA THR A 89 -14.20 -0.86 24.08
C THR A 89 -13.79 0.17 23.03
N PHE A 90 -13.57 -0.30 21.80
CA PHE A 90 -13.21 0.56 20.69
C PHE A 90 -14.31 1.57 20.36
N MET A 91 -15.55 1.08 20.31
CA MET A 91 -16.69 1.94 20.01
C MET A 91 -16.90 3.03 21.05
N ASN A 92 -16.61 2.70 22.32
CA ASN A 92 -16.82 3.58 23.45
C ASN A 92 -15.80 4.69 23.62
N ALA A 93 -14.61 4.50 23.04
CA ALA A 93 -13.54 5.50 23.15
C ALA A 93 -13.78 6.63 22.18
N ASP A 94 -13.28 7.81 22.52
CA ASP A 94 -13.36 8.98 21.63
C ASP A 94 -12.08 9.15 20.83
N ARG A 95 -10.97 8.64 21.37
CA ARG A 95 -9.65 8.85 20.81
C ARG A 95 -8.85 7.55 20.77
N TYR A 96 -8.16 7.32 19.66
CA TYR A 96 -7.32 6.12 19.53
C TYR A 96 -5.86 6.48 19.28
N VAL A 97 -4.97 5.88 20.04
CA VAL A 97 -3.53 6.06 19.84
C VAL A 97 -2.88 4.70 19.61
N PHE A 98 -2.39 4.49 18.38
CA PHE A 98 -1.73 3.23 18.04
C PHE A 98 -0.21 3.37 18.12
N VAL A 99 0.44 2.40 18.75
CA VAL A 99 1.90 2.35 18.78
C VAL A 99 2.37 1.03 18.16
N THR A 100 3.16 1.14 17.10
CA THR A 100 3.47 0.00 16.26
C THR A 100 4.92 0.05 15.79
N PRO A 101 5.60 -1.11 15.81
CA PRO A 101 6.88 -1.25 15.12
C PRO A 101 6.67 -1.75 13.69
N MET A 102 7.59 -1.42 12.79
CA MET A 102 7.55 -1.99 11.45
C MET A 102 8.37 -3.27 11.42
N TRP A 103 7.67 -4.38 11.16
CA TRP A 103 8.29 -5.66 10.90
C TRP A 103 7.89 -6.11 9.53
N ASN A 104 8.86 -6.51 8.71
CA ASN A 104 8.61 -7.00 7.36
C ASN A 104 7.72 -6.06 6.55
N PHE A 105 8.01 -4.76 6.63
CA PHE A 105 7.27 -3.72 5.89
C PHE A 105 5.81 -3.54 6.31
N SER A 106 5.42 -4.15 7.42
CA SER A 106 4.07 -3.97 7.98
C SER A 106 4.09 -3.97 9.52
N TYR A 107 2.93 -4.18 10.14
CA TYR A 107 2.81 -4.20 11.60
C TYR A 107 2.86 -5.63 12.13
N PRO A 108 2.97 -5.81 13.46
CA PRO A 108 2.79 -7.16 14.00
C PRO A 108 1.40 -7.73 13.68
N PRO A 109 1.32 -9.06 13.45
CA PRO A 109 0.09 -9.81 13.12
C PRO A 109 -1.13 -9.45 13.95
N VAL A 110 -0.97 -9.26 15.26
CA VAL A 110 -2.10 -8.94 16.14
C VAL A 110 -2.85 -7.67 15.76
N VAL A 111 -2.14 -6.68 15.22
CA VAL A 111 -2.77 -5.44 14.79
C VAL A 111 -3.87 -5.75 13.77
N LYS A 112 -3.61 -6.69 12.86
CA LYS A 112 -4.63 -7.11 11.91
C LYS A 112 -5.77 -7.83 12.61
N ALA A 113 -5.41 -8.72 13.54
CA ALA A 113 -6.38 -9.42 14.36
C ALA A 113 -7.28 -8.44 15.11
N TYR A 114 -6.68 -7.38 15.64
CA TYR A 114 -7.42 -6.38 16.38
C TYR A 114 -8.38 -5.58 15.48
N LEU A 115 -7.90 -5.21 14.29
CA LEU A 115 -8.74 -4.50 13.32
C LEU A 115 -9.92 -5.35 12.85
N ASP A 116 -9.68 -6.65 12.68
CA ASP A 116 -10.74 -7.60 12.37
C ASP A 116 -11.75 -7.77 13.51
N ASN A 117 -11.35 -7.38 14.72
CA ASN A 117 -12.27 -7.35 15.86
C ASN A 117 -13.12 -6.09 15.90
N VAL A 118 -12.57 -4.97 15.45
CA VAL A 118 -13.23 -3.66 15.59
C VAL A 118 -14.02 -3.22 14.35
N ALA A 119 -13.93 -3.99 13.28
CA ALA A 119 -14.68 -3.71 12.05
C ALA A 119 -15.81 -4.73 11.88
N ILE A 120 -16.96 -4.43 12.47
CA ILE A 120 -18.06 -5.39 12.56
C ILE A 120 -19.36 -4.78 12.04
N ALA A 121 -20.05 -5.53 11.17
CA ALA A 121 -21.35 -5.13 10.61
C ALA A 121 -22.39 -4.88 11.71
N GLY A 122 -23.09 -3.76 11.59
CA GLY A 122 -24.08 -3.35 12.57
C GLY A 122 -23.49 -2.60 13.75
N LYS A 123 -22.17 -2.54 13.80
CA LYS A 123 -21.48 -1.92 14.93
C LYS A 123 -20.54 -0.78 14.55
N THR A 124 -19.69 -0.99 13.55
CA THR A 124 -18.76 0.05 13.09
C THR A 124 -18.88 0.34 11.60
N PHE A 125 -19.57 -0.55 10.89
CA PHE A 125 -19.97 -0.28 9.51
C PHE A 125 -21.35 -0.89 9.22
N LYS A 126 -21.99 -0.43 8.16
CA LYS A 126 -23.26 -1.01 7.70
C LYS A 126 -23.20 -1.25 6.20
N TYR A 127 -23.99 -2.22 5.73
CA TYR A 127 -24.06 -2.49 4.31
C TYR A 127 -25.05 -1.55 3.65
N THR A 128 -24.69 -1.06 2.46
CA THR A 128 -25.62 -0.31 1.61
C THR A 128 -25.68 -0.96 0.23
N GLU A 129 -26.51 -0.42 -0.66
CA GLU A 129 -26.57 -0.86 -2.05
C GLU A 129 -25.22 -0.74 -2.76
N ASN A 130 -24.44 0.28 -2.39
CA ASN A 130 -23.15 0.56 -3.01
C ASN A 130 -21.97 -0.04 -2.27
N GLY A 131 -22.25 -0.82 -1.22
CA GLY A 131 -21.20 -1.44 -0.42
C GLY A 131 -21.15 -0.89 1.00
N PRO A 132 -20.24 -1.44 1.83
CA PRO A 132 -20.15 -1.07 3.25
C PRO A 132 -19.66 0.35 3.50
N VAL A 133 -20.30 1.04 4.44
CA VAL A 133 -19.89 2.38 4.85
C VAL A 133 -19.75 2.45 6.38
N GLY A 134 -18.79 3.23 6.86
CA GLY A 134 -18.50 3.32 8.29
C GLY A 134 -19.57 4.03 9.09
N LEU A 135 -19.65 3.71 10.39
CA LEU A 135 -20.70 4.23 11.26
C LEU A 135 -20.19 5.19 12.34
N LEU A 136 -18.88 5.21 12.56
CA LEU A 136 -18.29 5.98 13.65
C LEU A 136 -18.17 7.46 13.36
N GLU A 137 -18.51 8.27 14.37
CA GLU A 137 -18.49 9.73 14.30
C GLU A 137 -17.74 10.31 15.48
N GLY A 138 -17.23 11.53 15.31
CA GLY A 138 -16.58 12.27 16.39
C GLY A 138 -15.36 11.59 16.97
N LYS A 139 -14.66 10.83 16.14
CA LYS A 139 -13.44 10.13 16.53
C LYS A 139 -12.18 10.80 15.99
N LYS A 140 -11.06 10.53 16.65
CA LYS A 140 -9.77 11.11 16.28
C LYS A 140 -8.71 10.07 16.63
N ALA A 141 -7.69 9.94 15.79
CA ALA A 141 -6.67 8.89 15.98
C ALA A 141 -5.23 9.35 15.73
N LEU A 142 -4.30 8.79 16.49
CA LEU A 142 -2.87 9.00 16.26
C LEU A 142 -2.18 7.66 16.05
N HIS A 143 -1.30 7.62 15.06
CA HIS A 143 -0.47 6.44 14.82
C HIS A 143 0.97 6.81 14.97
N ILE A 144 1.63 6.16 15.93
CA ILE A 144 3.06 6.27 16.14
C ILE A 144 3.72 4.96 15.67
N GLN A 145 4.48 5.06 14.59
CA GLN A 145 5.20 3.89 14.06
C GLN A 145 6.70 4.11 14.12
N ALA A 146 7.42 3.15 14.70
CA ALA A 146 8.88 3.12 14.68
C ALA A 146 9.36 2.27 13.51
N THR A 147 10.29 2.78 12.73
CA THR A 147 10.80 2.06 11.55
C THR A 147 12.32 2.13 11.50
N GLY A 148 12.95 1.07 11.01
CA GLY A 148 14.40 1.02 10.88
C GLY A 148 14.90 2.00 9.83
N GLY A 149 14.18 2.06 8.71
CA GLY A 149 14.50 2.98 7.62
C GLY A 149 13.56 4.17 7.59
N VAL A 150 13.52 4.85 6.45
CA VAL A 150 12.70 6.05 6.28
C VAL A 150 11.59 5.81 5.24
N TYR A 151 10.34 5.98 5.68
CA TYR A 151 9.17 5.64 4.86
C TYR A 151 8.11 6.75 4.87
N SER A 152 8.29 7.76 5.71
CA SER A 152 7.26 8.79 5.92
C SER A 152 6.94 9.57 4.65
N GLU A 153 7.98 9.90 3.89
CA GLU A 153 7.84 10.65 2.64
C GLU A 153 8.70 9.99 1.55
N GLY A 154 8.40 10.27 0.29
CA GLY A 154 9.21 9.79 -0.82
C GLY A 154 8.79 8.45 -1.38
N ALA A 155 9.72 7.79 -2.08
CA ALA A 155 9.44 6.56 -2.83
C ALA A 155 8.98 5.39 -1.96
N TYR A 156 9.61 5.25 -0.79
CA TYR A 156 9.33 4.13 0.11
C TYR A 156 7.99 4.21 0.84
N ALA A 157 7.26 5.32 0.67
CA ALA A 157 5.93 5.47 1.26
C ALA A 157 4.95 4.42 0.74
N ALA A 158 5.19 3.95 -0.49
CA ALA A 158 4.36 2.93 -1.12
C ALA A 158 4.45 1.56 -0.43
N VAL A 159 5.54 1.33 0.32
CA VAL A 159 5.73 0.05 1.01
C VAL A 159 5.63 0.14 2.54
N ASP A 160 5.02 1.22 3.02
CA ASP A 160 4.75 1.40 4.44
C ASP A 160 3.34 0.85 4.70
N PHE A 161 3.22 -0.48 4.63
CA PHE A 161 1.93 -1.16 4.62
C PHE A 161 1.22 -1.13 5.96
N GLY A 162 1.98 -1.13 7.04
CA GLY A 162 1.45 -0.99 8.39
C GLY A 162 0.69 0.31 8.55
N ARG A 163 1.35 1.42 8.26
CA ARG A 163 0.73 2.74 8.30
C ARG A 163 -0.48 2.86 7.38
N ASN A 164 -0.27 2.53 6.10
CA ASN A 164 -1.29 2.72 5.08
C ASN A 164 -2.54 1.88 5.28
N HIS A 165 -2.37 0.65 5.78
CA HIS A 165 -3.52 -0.20 6.08
C HIS A 165 -4.29 0.28 7.28
N LEU A 166 -3.57 0.63 8.35
CA LEU A 166 -4.22 1.15 9.56
C LEU A 166 -5.06 2.39 9.26
N LYS A 167 -4.53 3.30 8.45
CA LYS A 167 -5.25 4.50 8.08
C LYS A 167 -6.52 4.18 7.29
N THR A 168 -6.42 3.18 6.42
CA THR A 168 -7.53 2.75 5.58
C THR A 168 -8.68 2.17 6.42
N VAL A 169 -8.35 1.27 7.34
CA VAL A 169 -9.36 0.64 8.19
C VAL A 169 -10.03 1.69 9.07
N LEU A 170 -9.21 2.58 9.66
CA LEU A 170 -9.71 3.72 10.42
C LEU A 170 -10.65 4.57 9.58
N GLY A 171 -10.21 4.91 8.37
CA GLY A 171 -11.03 5.66 7.42
C GLY A 171 -12.31 4.95 7.04
N PHE A 172 -12.23 3.63 6.91
CA PHE A 172 -13.38 2.80 6.58
C PHE A 172 -14.49 2.83 7.65
N VAL A 173 -14.11 2.73 8.91
CA VAL A 173 -15.08 2.68 10.01
C VAL A 173 -15.60 4.07 10.42
N GLY A 174 -15.07 5.13 9.81
CA GLY A 174 -15.50 6.48 10.11
C GLY A 174 -14.45 7.42 10.70
N VAL A 175 -13.30 6.88 11.08
CA VAL A 175 -12.24 7.71 11.70
C VAL A 175 -11.22 8.22 10.68
N ASN A 176 -11.54 9.32 10.00
CA ASN A 176 -10.54 9.89 9.08
C ASN A 176 -9.82 11.15 9.56
N ASP A 177 -10.06 11.54 10.81
CA ASP A 177 -9.19 12.49 11.49
C ASP A 177 -8.09 11.68 12.16
N THR A 178 -6.95 11.60 11.46
CA THR A 178 -5.83 10.75 11.85
C THR A 178 -4.51 11.51 11.77
N GLU A 179 -3.74 11.48 12.86
CA GLU A 179 -2.40 12.04 12.88
C GLU A 179 -1.36 10.94 12.67
N TYR A 180 -0.15 11.33 12.25
CA TYR A 180 0.93 10.37 12.13
C TYR A 180 2.27 10.91 12.60
N ILE A 181 2.93 10.12 13.45
CA ILE A 181 4.29 10.41 13.90
C ILE A 181 5.19 9.23 13.60
N ALA A 182 6.18 9.47 12.75
CA ALA A 182 7.18 8.46 12.43
C ALA A 182 8.39 8.62 13.34
N VAL A 183 8.83 7.50 13.91
CA VAL A 183 10.12 7.42 14.59
C VAL A 183 10.99 6.56 13.69
N GLU A 184 11.71 7.20 12.77
CA GLU A 184 12.30 6.51 11.63
C GLU A 184 13.80 6.74 11.44
N GLY A 185 14.46 5.77 10.82
CA GLY A 185 15.84 5.92 10.38
C GLY A 185 16.90 5.63 11.42
N MET A 186 16.50 5.08 12.56
CA MET A 186 17.45 4.75 13.63
C MET A 186 18.40 3.62 13.26
N ASN A 187 17.91 2.63 12.52
CA ASN A 187 18.79 1.57 12.04
C ASN A 187 19.60 2.00 10.83
N ALA A 188 19.09 2.99 10.08
CA ALA A 188 19.82 3.58 8.96
C ALA A 188 20.93 4.50 9.44
N ASN A 189 20.67 5.24 10.52
CA ASN A 189 21.66 6.13 11.11
C ASN A 189 21.63 6.08 12.64
N PRO A 190 22.25 5.03 13.22
CA PRO A 190 22.25 4.85 14.68
C PRO A 190 22.93 6.00 15.41
N GLU A 191 23.86 6.67 14.72
CA GLU A 191 24.59 7.82 15.25
C GLU A 191 23.66 8.94 15.67
N LYS A 192 22.52 9.06 15.00
CA LYS A 192 21.56 10.10 15.32
C LYS A 192 20.21 9.56 15.85
N ALA A 193 20.25 8.36 16.41
CA ALA A 193 19.06 7.70 16.99
C ALA A 193 18.59 8.38 18.28
N GLN A 194 19.55 8.91 19.04
CA GLN A 194 19.27 9.72 20.22
C GLN A 194 18.51 10.99 19.84
N GLU A 195 18.95 11.66 18.79
CA GLU A 195 18.27 12.88 18.35
C GLU A 195 16.95 12.61 17.62
N ILE A 196 16.85 11.50 16.89
CA ILE A 196 15.58 11.12 16.24
C ILE A 196 14.48 10.85 17.28
N LYS A 197 14.85 10.14 18.34
CA LYS A 197 13.92 9.83 19.42
C LYS A 197 13.42 11.09 20.11
N GLU A 198 14.34 11.99 20.45
CA GLU A 198 14.01 13.24 21.13
C GLU A 198 13.17 14.19 20.26
N ALA A 199 13.45 14.21 18.96
CA ALA A 199 12.69 15.01 18.00
C ALA A 199 11.25 14.50 17.88
N ALA A 200 11.10 13.18 17.93
CA ALA A 200 9.78 12.57 17.86
C ALA A 200 9.02 12.76 19.19
N ILE A 201 9.75 12.69 20.31
CA ILE A 201 9.19 12.95 21.64
C ILE A 201 8.66 14.38 21.76
N ALA A 202 9.46 15.33 21.29
CA ALA A 202 9.07 16.76 21.30
C ALA A 202 7.88 16.98 20.38
N ASN A 203 7.89 16.36 19.21
CA ASN A 203 6.78 16.38 18.26
C ASN A 203 5.50 15.78 18.86
N ALA A 204 5.66 14.73 19.68
CA ALA A 204 4.54 14.10 20.38
C ALA A 204 3.99 14.97 21.50
N ARG A 205 4.88 15.56 22.29
CA ARG A 205 4.49 16.42 23.41
C ARG A 205 3.75 17.69 22.95
N GLU A 206 4.10 18.20 21.77
CA GLU A 206 3.42 19.34 21.19
C GLU A 206 2.02 18.96 20.69
N LEU A 207 1.91 17.79 20.07
CA LEU A 207 0.62 17.29 19.56
C LEU A 207 -0.38 16.99 20.67
N ALA A 208 0.12 16.44 21.77
CA ALA A 208 -0.70 16.16 22.95
C ALA A 208 -1.40 17.43 23.48
N LYS A 209 -0.78 18.58 23.25
CA LYS A 209 -1.36 19.84 23.68
C LYS A 209 -2.52 20.29 22.78
N ARG A 210 -2.62 19.69 21.59
CA ARG A 210 -3.67 20.04 20.63
C ARG A 210 -4.45 18.83 20.08
N PHE A 211 -4.33 17.68 20.71
CA PHE A 211 -5.00 16.47 20.23
C PHE A 211 -6.45 16.37 20.72
N THR B 2 -8.63 23.51 29.30
CA THR B 2 -8.52 24.00 27.89
C THR B 2 -9.30 25.31 27.71
N LYS B 3 -8.62 26.33 27.21
CA LYS B 3 -9.21 27.65 27.04
C LYS B 3 -9.44 27.96 25.56
N VAL B 4 -10.67 28.35 25.24
CA VAL B 4 -11.10 28.53 23.84
C VAL B 4 -11.56 29.96 23.57
N LEU B 5 -10.93 30.60 22.59
CA LEU B 5 -11.33 31.92 22.13
C LEU B 5 -12.33 31.84 20.98
N PHE B 6 -13.53 32.35 21.21
CA PHE B 6 -14.56 32.42 20.18
C PHE B 6 -14.54 33.83 19.59
N ILE B 7 -13.75 34.00 18.53
CA ILE B 7 -13.52 35.29 17.89
C ILE B 7 -14.51 35.49 16.73
N THR B 8 -15.35 36.52 16.84
CA THR B 8 -16.38 36.76 15.83
C THR B 8 -16.19 38.13 15.17
N ALA B 9 -16.39 38.17 13.85
CA ALA B 9 -16.29 39.41 13.10
C ALA B 9 -17.49 39.58 12.18
N ASN B 10 -18.68 39.70 12.77
CA ASN B 10 -19.91 39.95 12.04
C ASN B 10 -20.81 40.86 12.88
N PRO B 11 -21.19 42.02 12.32
CA PRO B 11 -22.03 42.98 13.04
C PRO B 11 -23.45 42.46 13.32
N ASN B 12 -23.80 41.33 12.71
CA ASN B 12 -25.09 40.68 12.94
C ASN B 12 -24.97 39.42 13.80
N SER B 13 -26.07 39.02 14.43
CA SER B 13 -26.09 37.87 15.33
C SER B 13 -26.32 36.55 14.58
N ALA B 14 -26.39 35.45 15.34
CA ALA B 14 -26.69 34.13 14.80
C ALA B 14 -28.08 34.06 14.15
N GLU B 15 -28.97 34.95 14.59
CA GLU B 15 -30.32 35.04 14.02
C GLU B 15 -30.33 35.55 12.59
N GLY B 16 -29.39 36.44 12.25
CA GLY B 16 -29.34 37.06 10.93
C GLY B 16 -28.18 36.65 10.04
N SER B 17 -27.20 35.97 10.61
CA SER B 17 -25.97 35.61 9.89
C SER B 17 -25.77 34.11 9.74
N PHE B 18 -25.38 33.69 8.53
CA PHE B 18 -25.12 32.28 8.23
C PHE B 18 -23.90 31.73 8.96
N GLY B 19 -22.80 32.49 8.91
CA GLY B 19 -21.56 32.09 9.58
C GLY B 19 -21.73 32.02 11.09
N MET B 20 -22.48 32.98 11.62
CA MET B 20 -22.69 33.10 13.05
C MET B 20 -23.58 31.96 13.59
N ALA B 21 -24.57 31.56 12.80
CA ALA B 21 -25.46 30.46 13.15
C ALA B 21 -24.70 29.15 13.22
N VAL B 22 -23.82 28.93 12.25
CA VAL B 22 -22.95 27.75 12.23
C VAL B 22 -21.93 27.84 13.38
N GLY B 23 -21.42 29.06 13.63
CA GLY B 23 -20.49 29.31 14.72
C GLY B 23 -21.06 29.03 16.09
N GLU B 24 -22.30 29.47 16.31
CA GLU B 24 -23.01 29.23 17.57
C GLU B 24 -23.33 27.75 17.79
N ALA B 25 -23.69 27.07 16.70
CA ALA B 25 -23.98 25.64 16.74
C ALA B 25 -22.73 24.85 17.13
N PHE B 26 -21.58 25.23 16.55
CA PHE B 26 -20.31 24.60 16.88
C PHE B 26 -19.92 24.80 18.34
N ILE B 27 -19.98 26.04 18.81
CA ILE B 27 -19.52 26.37 20.15
C ILE B 27 -20.43 25.76 21.23
N GLU B 28 -21.73 25.68 20.94
CA GLU B 28 -22.70 25.01 21.80
C GLU B 28 -22.46 23.50 21.88
N ALA B 29 -22.08 22.90 20.75
CA ALA B 29 -21.83 21.47 20.68
C ALA B 29 -20.50 21.13 21.35
N TYR B 30 -19.52 22.03 21.20
CA TYR B 30 -18.24 21.90 21.87
C TYR B 30 -18.38 21.95 23.40
N LYS B 31 -19.25 22.84 23.88
CA LYS B 31 -19.45 23.05 25.30
C LYS B 31 -20.15 21.88 26.01
N ASN B 32 -21.18 21.31 25.37
CA ASN B 32 -21.82 20.12 25.93
C ASN B 32 -21.00 18.84 25.69
N GLU B 33 -19.84 19.00 25.06
CA GLU B 33 -18.85 17.94 24.91
C GLU B 33 -17.72 18.12 25.93
N HIS B 34 -17.36 19.38 26.19
CA HIS B 34 -16.31 19.70 27.16
C HIS B 34 -16.79 20.74 28.13
N PRO B 35 -17.61 20.33 29.12
CA PRO B 35 -18.30 21.26 30.04
C PRO B 35 -17.37 22.09 30.92
N GLN B 36 -16.15 21.62 31.13
CA GLN B 36 -15.21 22.29 32.03
C GLN B 36 -14.14 23.11 31.30
N ASP B 37 -14.37 23.39 30.02
CA ASP B 37 -13.51 24.25 29.23
C ASP B 37 -14.00 25.69 29.27
N GLU B 38 -13.05 26.62 29.46
CA GLU B 38 -13.34 28.05 29.47
C GLU B 38 -13.45 28.59 28.05
N VAL B 39 -14.61 29.17 27.73
CA VAL B 39 -14.86 29.74 26.40
C VAL B 39 -15.11 31.24 26.49
N VAL B 40 -14.21 32.01 25.89
CA VAL B 40 -14.29 33.48 25.91
C VAL B 40 -14.66 34.01 24.52
N THR B 41 -15.79 34.69 24.44
CA THR B 41 -16.24 35.31 23.20
C THR B 41 -15.55 36.66 23.01
N ILE B 42 -14.89 36.82 21.86
CA ILE B 42 -14.33 38.10 21.48
C ILE B 42 -15.05 38.60 20.23
N ASP B 43 -15.94 39.56 20.42
CA ASP B 43 -16.60 40.23 19.31
C ASP B 43 -15.70 41.36 18.83
N LEU B 44 -15.09 41.17 17.66
CA LEU B 44 -14.15 42.15 17.11
C LEU B 44 -14.81 43.49 16.77
N PHE B 45 -16.12 43.46 16.55
CA PHE B 45 -16.91 44.68 16.32
C PHE B 45 -17.25 45.41 17.61
N ASN B 46 -16.79 44.89 18.75
CA ASN B 46 -17.01 45.51 20.06
C ASN B 46 -15.79 45.40 20.98
N THR B 47 -14.63 45.24 20.36
CA THR B 47 -13.35 45.19 21.08
C THR B 47 -12.46 46.31 20.54
N THR B 48 -11.71 46.93 21.45
CA THR B 48 -10.67 47.89 21.06
C THR B 48 -9.53 47.13 20.42
N VAL B 49 -9.37 47.33 19.11
CA VAL B 49 -8.29 46.72 18.36
C VAL B 49 -7.53 47.82 17.62
N PRO B 50 -6.56 48.45 18.31
CA PRO B 50 -5.81 49.55 17.72
C PRO B 50 -4.99 49.10 16.53
N ALA B 51 -5.17 49.81 15.41
CA ALA B 51 -4.38 49.57 14.21
C ALA B 51 -2.98 50.12 14.40
N ILE B 52 -1.99 49.49 13.77
CA ILE B 52 -0.62 50.00 13.75
C ILE B 52 -0.62 51.33 13.01
N ASP B 53 -0.27 52.41 13.73
CA ASP B 53 -0.23 53.75 13.16
C ASP B 53 1.01 54.50 13.61
N ALA B 54 1.04 55.81 13.35
CA ALA B 54 2.14 56.68 13.74
C ALA B 54 2.42 56.65 15.25
N ASP B 55 1.34 56.60 16.03
CA ASP B 55 1.43 56.50 17.49
C ASP B 55 2.11 55.22 17.97
N VAL B 56 1.75 54.09 17.37
CA VAL B 56 2.26 52.79 17.78
C VAL B 56 3.75 52.64 17.46
N PHE B 57 4.15 53.06 16.26
CA PHE B 57 5.57 53.07 15.87
C PHE B 57 6.40 53.97 16.79
N ALA B 58 5.83 55.09 17.21
CA ALA B 58 6.47 56.01 18.15
C ALA B 58 6.57 55.37 19.53
N ALA B 59 5.49 54.72 19.95
CA ALA B 59 5.44 54.03 21.24
C ALA B 59 6.46 52.90 21.29
N TRP B 60 6.51 52.10 20.23
CA TRP B 60 7.53 51.05 20.09
C TRP B 60 8.91 51.63 20.05
N GLY B 61 9.05 52.77 19.37
CA GLY B 61 10.33 53.48 19.25
C GLY B 61 10.93 53.88 20.59
N LYS B 62 10.07 54.10 21.58
CA LYS B 62 10.49 54.45 22.95
C LYS B 62 11.04 53.22 23.67
N PHE B 63 10.42 52.06 23.44
CA PHE B 63 10.87 50.82 24.05
C PHE B 63 12.22 50.38 23.49
N ALA B 64 12.41 50.55 22.18
CA ALA B 64 13.66 50.22 21.50
C ALA B 64 14.83 51.08 21.99
N ALA B 65 14.53 52.33 22.37
CA ALA B 65 15.53 53.22 22.95
C ALA B 65 15.89 52.83 24.38
N GLY B 66 15.14 51.86 24.93
CA GLY B 66 15.36 51.36 26.28
C GLY B 66 14.44 51.96 27.32
N GLU B 67 13.68 52.98 26.91
CA GLU B 67 12.79 53.72 27.79
C GLU B 67 11.48 52.97 28.05
N GLY B 68 10.81 53.30 29.15
CA GLY B 68 9.62 52.59 29.60
C GLY B 68 8.28 53.23 29.28
N PHE B 69 7.25 52.77 29.98
CA PHE B 69 5.84 53.10 29.71
C PHE B 69 5.49 54.59 29.84
N GLU B 70 6.16 55.28 30.76
CA GLU B 70 5.82 56.68 31.08
C GLU B 70 6.17 57.70 29.98
N ALA B 71 7.06 57.32 29.07
CA ALA B 71 7.46 58.19 27.96
C ALA B 71 6.46 58.18 26.80
N LEU B 72 5.31 57.54 27.03
CA LEU B 72 4.24 57.46 26.04
C LEU B 72 3.12 58.43 26.39
N THR B 73 2.50 59.00 25.37
CA THR B 73 1.39 59.95 25.55
C THR B 73 0.13 59.23 26.04
N GLU B 74 -0.88 60.00 26.43
CA GLU B 74 -2.15 59.44 26.89
C GLU B 74 -2.80 58.53 25.84
N VAL B 75 -2.72 58.94 24.58
CA VAL B 75 -3.27 58.16 23.46
C VAL B 75 -2.44 56.90 23.20
N GLN B 76 -1.12 57.05 23.23
CA GLN B 76 -0.18 55.95 22.98
C GLN B 76 -0.26 54.86 24.04
N GLN B 77 -0.35 55.27 25.30
CA GLN B 77 -0.54 54.33 26.41
C GLN B 77 -1.86 53.58 26.27
N GLN B 78 -2.91 54.29 25.86
CA GLN B 78 -4.23 53.69 25.68
C GLN B 78 -4.24 52.67 24.54
N LYS B 79 -3.47 52.94 23.49
CA LYS B 79 -3.36 52.05 22.35
C LYS B 79 -2.57 50.78 22.66
N VAL B 80 -1.38 50.93 23.25
CA VAL B 80 -0.51 49.79 23.56
C VAL B 80 -1.08 48.88 24.65
N ALA B 81 -1.93 49.45 25.51
CA ALA B 81 -2.58 48.68 26.58
C ALA B 81 -3.63 47.73 25.99
N ALA B 82 -4.37 48.22 25.00
CA ALA B 82 -5.38 47.42 24.31
C ALA B 82 -4.73 46.35 23.43
N MET B 83 -3.59 46.69 22.84
CA MET B 83 -2.82 45.74 22.02
C MET B 83 -2.29 44.60 22.89
N ASN B 84 -1.78 44.95 24.07
CA ASN B 84 -1.25 43.97 25.01
C ASN B 84 -2.32 43.07 25.62
N THR B 85 -3.52 43.60 25.81
CA THR B 85 -4.66 42.79 26.26
C THR B 85 -5.07 41.77 25.21
N ASN B 86 -5.18 42.20 23.96
CA ASN B 86 -5.52 41.30 22.85
C ASN B 86 -4.46 40.22 22.66
N LEU B 87 -3.20 40.63 22.74
CA LEU B 87 -2.05 39.72 22.59
C LEU B 87 -2.00 38.66 23.71
N GLU B 88 -2.15 39.10 24.96
CA GLU B 88 -2.11 38.17 26.10
C GLU B 88 -3.24 37.14 26.05
N THR B 89 -4.47 37.61 25.80
CA THR B 89 -5.63 36.73 25.68
C THR B 89 -5.42 35.67 24.60
N PHE B 90 -4.82 36.08 23.48
CA PHE B 90 -4.50 35.16 22.39
C PHE B 90 -3.44 34.14 22.78
N MET B 91 -2.35 34.62 23.38
CA MET B 91 -1.23 33.77 23.78
C MET B 91 -1.60 32.71 24.82
N ASN B 92 -2.42 33.10 25.79
CA ASN B 92 -2.79 32.20 26.90
C ASN B 92 -3.86 31.18 26.54
N ALA B 93 -4.58 31.41 25.44
CA ALA B 93 -5.62 30.49 24.97
C ALA B 93 -5.02 29.27 24.28
N ASP B 94 -5.78 28.18 24.26
CA ASP B 94 -5.35 26.92 23.64
C ASP B 94 -5.99 26.70 22.27
N ARG B 95 -7.23 27.16 22.11
CA ARG B 95 -7.99 26.96 20.89
C ARG B 95 -8.56 28.28 20.39
N TYR B 96 -8.57 28.45 19.07
CA TYR B 96 -9.13 29.67 18.45
C TYR B 96 -10.22 29.31 17.45
N VAL B 97 -11.38 29.95 17.59
CA VAL B 97 -12.47 29.79 16.63
C VAL B 97 -12.78 31.14 15.99
N PHE B 98 -12.55 31.23 14.68
CA PHE B 98 -12.79 32.46 13.93
C PHE B 98 -14.05 32.30 13.10
N VAL B 99 -14.96 33.27 13.23
CA VAL B 99 -16.14 33.28 12.36
C VAL B 99 -16.23 34.61 11.62
N THR B 100 -16.11 34.53 10.30
CA THR B 100 -16.07 35.71 9.44
C THR B 100 -17.00 35.53 8.25
N PRO B 101 -17.51 36.65 7.70
CA PRO B 101 -18.14 36.59 6.38
C PRO B 101 -17.12 36.98 5.31
N MET B 102 -17.37 36.58 4.06
CA MET B 102 -16.58 37.11 2.96
C MET B 102 -17.22 38.41 2.49
N TRP B 103 -16.54 39.52 2.74
CA TRP B 103 -16.88 40.81 2.16
C TRP B 103 -15.81 41.20 1.19
N ASN B 104 -16.18 41.41 -0.07
CA ASN B 104 -15.25 41.91 -1.08
C ASN B 104 -14.02 40.99 -1.23
N PHE B 105 -14.31 39.69 -1.33
CA PHE B 105 -13.31 38.62 -1.51
C PHE B 105 -12.31 38.45 -0.37
N SER B 106 -12.59 39.08 0.77
CA SER B 106 -11.78 38.90 1.97
C SER B 106 -12.64 39.01 3.22
N TYR B 107 -12.00 39.19 4.38
CA TYR B 107 -12.70 39.36 5.64
C TYR B 107 -12.91 40.84 5.97
N PRO B 108 -13.73 41.14 7.02
CA PRO B 108 -13.79 42.52 7.51
C PRO B 108 -12.43 43.02 7.99
N PRO B 109 -12.14 44.32 7.81
CA PRO B 109 -10.85 44.94 8.18
C PRO B 109 -10.37 44.63 9.59
N VAL B 110 -11.29 44.53 10.55
CA VAL B 110 -10.93 44.24 11.96
C VAL B 110 -10.14 42.95 12.13
N VAL B 111 -10.41 41.97 11.27
CA VAL B 111 -9.69 40.69 11.32
C VAL B 111 -8.20 40.92 11.10
N LYS B 112 -7.85 41.74 10.10
CA LYS B 112 -6.47 42.11 9.87
C LYS B 112 -5.89 42.91 11.05
N ALA B 113 -6.67 43.84 11.58
CA ALA B 113 -6.25 44.63 12.73
C ALA B 113 -5.96 43.75 13.94
N TYR B 114 -6.84 42.78 14.18
CA TYR B 114 -6.68 41.82 15.28
C TYR B 114 -5.44 40.95 15.06
N LEU B 115 -5.23 40.55 13.81
CA LEU B 115 -4.05 39.77 13.45
C LEU B 115 -2.75 40.54 13.65
N ASP B 116 -2.78 41.85 13.36
CA ASP B 116 -1.64 42.73 13.60
C ASP B 116 -1.37 42.94 15.09
N ASN B 117 -2.38 42.70 15.92
CA ASN B 117 -2.25 42.75 17.37
C ASN B 117 -1.65 41.47 17.95
N VAL B 118 -1.94 40.33 17.34
CA VAL B 118 -1.51 39.04 17.88
C VAL B 118 -0.20 38.53 17.30
N ALA B 119 0.28 39.14 16.23
CA ALA B 119 1.59 38.81 15.66
C ALA B 119 2.64 39.85 16.07
N ILE B 120 3.23 39.63 17.24
CA ILE B 120 4.17 40.58 17.85
C ILE B 120 5.55 39.96 18.06
N ALA B 121 6.60 40.72 17.74
CA ALA B 121 7.98 40.26 17.90
C ALA B 121 8.31 39.99 19.35
N GLY B 122 8.97 38.86 19.61
CA GLY B 122 9.37 38.47 20.96
C GLY B 122 8.26 37.83 21.79
N LYS B 123 7.04 37.83 21.25
CA LYS B 123 5.89 37.27 21.96
C LYS B 123 5.23 36.09 21.24
N THR B 124 4.95 36.26 19.95
CA THR B 124 4.39 35.16 19.14
C THR B 124 5.29 34.74 17.98
N PHE B 125 6.26 35.59 17.65
CA PHE B 125 7.31 35.19 16.72
C PHE B 125 8.67 35.77 17.13
N LYS B 126 9.73 35.05 16.78
CA LYS B 126 11.10 35.54 17.00
C LYS B 126 11.81 35.78 15.67
N TYR B 127 12.72 36.75 15.66
CA TYR B 127 13.60 36.97 14.53
C TYR B 127 14.72 35.92 14.52
N THR B 128 15.00 35.39 13.34
CA THR B 128 16.02 34.36 13.16
C THR B 128 17.01 34.83 12.09
N GLU B 129 18.09 34.07 11.92
CA GLU B 129 19.05 34.30 10.83
C GLU B 129 18.37 34.20 9.46
N ASN B 130 17.39 33.29 9.35
CA ASN B 130 16.67 33.07 8.08
C ASN B 130 15.30 33.74 8.01
N GLY B 131 15.03 34.67 8.93
CA GLY B 131 13.75 35.38 8.98
C GLY B 131 12.89 35.02 10.18
N PRO B 132 11.69 35.63 10.29
CA PRO B 132 10.80 35.41 11.43
C PRO B 132 10.20 33.99 11.49
N VAL B 133 10.18 33.40 12.68
CA VAL B 133 9.47 32.13 12.91
C VAL B 133 8.55 32.21 14.13
N GLY B 134 7.44 31.49 14.09
CA GLY B 134 6.46 31.50 15.18
C GLY B 134 6.95 30.87 16.46
N LEU B 135 6.40 31.33 17.58
CA LEU B 135 6.78 30.88 18.91
C LEU B 135 5.72 30.04 19.62
N LEU B 136 4.50 30.02 19.08
CA LEU B 136 3.39 29.31 19.70
C LEU B 136 3.41 27.80 19.45
N GLU B 137 3.08 27.03 20.48
CA GLU B 137 3.05 25.57 20.40
C GLU B 137 1.74 25.07 20.98
N GLY B 138 1.27 23.92 20.48
CA GLY B 138 0.09 23.26 21.02
C GLY B 138 -1.21 24.03 20.84
N LYS B 139 -1.33 24.73 19.72
CA LYS B 139 -2.54 25.47 19.40
C LYS B 139 -3.31 24.81 18.27
N LYS B 140 -4.62 24.98 18.29
CA LYS B 140 -5.51 24.49 17.24
C LYS B 140 -6.53 25.58 16.95
N ALA B 141 -6.86 25.74 15.67
CA ALA B 141 -7.82 26.75 15.25
C ALA B 141 -8.87 26.19 14.30
N LEU B 142 -10.05 26.81 14.30
CA LEU B 142 -11.08 26.54 13.31
C LEU B 142 -11.48 27.87 12.69
N HIS B 143 -11.67 27.87 11.37
CA HIS B 143 -12.25 29.01 10.67
C HIS B 143 -13.56 28.64 10.04
N ILE B 144 -14.62 29.34 10.44
CA ILE B 144 -15.91 29.22 9.79
C ILE B 144 -16.14 30.49 8.97
N GLN B 145 -16.29 30.33 7.66
CA GLN B 145 -16.56 31.45 6.79
C GLN B 145 -17.84 31.21 5.99
N ALA B 146 -18.68 32.24 5.92
CA ALA B 146 -19.85 32.22 5.05
C ALA B 146 -19.59 33.08 3.82
N THR B 147 -19.76 32.46 2.64
CA THR B 147 -19.51 33.16 1.38
C THR B 147 -20.75 33.12 0.50
N GLY B 148 -20.94 34.17 -0.30
CA GLY B 148 -22.02 34.22 -1.27
C GLY B 148 -21.89 33.19 -2.38
N GLY B 149 -20.67 33.04 -2.90
CA GLY B 149 -20.38 32.05 -3.94
C GLY B 149 -19.67 30.84 -3.37
N VAL B 150 -19.15 29.99 -4.25
CA VAL B 150 -18.40 28.80 -3.84
C VAL B 150 -16.90 29.04 -4.06
N TYR B 151 -16.13 28.95 -2.97
CA TYR B 151 -14.70 29.21 -3.00
C TYR B 151 -13.87 28.09 -2.35
N SER B 152 -14.52 27.13 -1.70
CA SER B 152 -13.81 26.15 -0.87
C SER B 152 -12.86 25.26 -1.68
N GLU B 153 -13.32 24.84 -2.85
CA GLU B 153 -12.50 24.10 -3.81
C GLU B 153 -12.72 24.69 -5.20
N GLY B 154 -11.88 24.30 -6.15
CA GLY B 154 -12.04 24.71 -7.54
C GLY B 154 -11.38 26.02 -7.88
N ALA B 155 -11.88 26.66 -8.93
CA ALA B 155 -11.24 27.83 -9.54
C ALA B 155 -11.07 29.03 -8.61
N TYR B 156 -12.09 29.29 -7.78
CA TYR B 156 -12.10 30.52 -6.98
C TYR B 156 -11.40 30.42 -5.63
N ALA B 157 -10.76 29.28 -5.35
CA ALA B 157 -9.95 29.11 -4.14
C ALA B 157 -8.80 30.10 -4.07
N ALA B 158 -8.28 30.51 -5.23
CA ALA B 158 -7.17 31.46 -5.30
C ALA B 158 -7.61 32.88 -4.88
N VAL B 159 -8.91 33.14 -4.94
CA VAL B 159 -9.46 34.44 -4.54
C VAL B 159 -10.17 34.38 -3.17
N ASP B 160 -10.01 33.27 -2.47
CA ASP B 160 -10.53 33.15 -1.13
C ASP B 160 -9.53 33.73 -0.12
N PHE B 161 -9.37 35.05 -0.17
CA PHE B 161 -8.30 35.73 0.57
C PHE B 161 -8.49 35.80 2.07
N GLY B 162 -9.73 35.87 2.53
CA GLY B 162 -10.02 35.85 3.96
C GLY B 162 -9.53 34.55 4.58
N ARG B 163 -9.93 33.45 3.97
CA ARG B 163 -9.54 32.13 4.44
C ARG B 163 -8.03 31.93 4.35
N ASN B 164 -7.47 32.19 3.17
CA ASN B 164 -6.08 31.89 2.88
C ASN B 164 -5.09 32.72 3.68
N HIS B 165 -5.38 34.01 3.85
CA HIS B 165 -4.51 34.87 4.65
C HIS B 165 -4.58 34.55 6.12
N LEU B 166 -5.78 34.34 6.65
CA LEU B 166 -5.93 33.98 8.07
C LEU B 166 -5.13 32.72 8.42
N LYS B 167 -5.22 31.70 7.57
CA LYS B 167 -4.49 30.45 7.78
C LYS B 167 -2.97 30.67 7.78
N THR B 168 -2.51 31.52 6.86
CA THR B 168 -1.09 31.85 6.72
C THR B 168 -0.52 32.52 7.97
N VAL B 169 -1.23 33.50 8.51
CA VAL B 169 -0.83 34.17 9.75
C VAL B 169 -0.85 33.18 10.92
N LEU B 170 -1.95 32.45 11.04
CA LEU B 170 -2.07 31.38 12.04
C LEU B 170 -0.91 30.39 11.98
N GLY B 171 -0.57 29.93 10.78
CA GLY B 171 0.58 29.04 10.60
C GLY B 171 1.89 29.72 10.95
N PHE B 172 1.97 31.01 10.66
CA PHE B 172 3.20 31.78 10.88
C PHE B 172 3.54 31.94 12.37
N VAL B 173 2.54 32.21 13.21
CA VAL B 173 2.77 32.34 14.65
C VAL B 173 2.95 30.98 15.33
N GLY B 174 2.69 29.90 14.60
CA GLY B 174 2.95 28.55 15.12
C GLY B 174 1.75 27.64 15.24
N VAL B 175 0.55 28.17 15.03
CA VAL B 175 -0.66 27.35 15.06
C VAL B 175 -0.58 26.38 13.88
N ASN B 176 -0.43 25.10 14.20
CA ASN B 176 -0.20 24.02 13.22
C ASN B 176 -1.50 23.48 12.61
N ASP B 177 -2.37 22.91 13.44
CA ASP B 177 -3.64 22.40 12.95
C ASP B 177 -4.66 23.52 12.81
N THR B 178 -5.13 23.72 11.59
CA THR B 178 -6.22 24.64 11.32
C THR B 178 -7.34 23.92 10.58
N GLU B 179 -8.54 23.97 11.16
CA GLU B 179 -9.72 23.40 10.54
C GLU B 179 -10.49 24.49 9.80
N TYR B 180 -11.28 24.07 8.82
CA TYR B 180 -12.10 25.01 8.05
C TYR B 180 -13.50 24.44 7.77
N ILE B 181 -14.52 25.27 7.99
CA ILE B 181 -15.88 24.95 7.57
C ILE B 181 -16.42 26.11 6.74
N ALA B 182 -16.83 25.81 5.51
CA ALA B 182 -17.45 26.81 4.63
C ALA B 182 -18.98 26.74 4.68
N VAL B 183 -19.61 27.90 4.80
CA VAL B 183 -21.06 28.04 4.59
C VAL B 183 -21.22 28.80 3.28
N GLU B 184 -21.39 28.08 2.18
CA GLU B 184 -21.15 28.65 0.85
C GLU B 184 -22.24 28.42 -0.20
N GLY B 185 -22.37 29.37 -1.11
CA GLY B 185 -23.26 29.27 -2.26
C GLY B 185 -24.69 29.71 -2.05
N MET B 186 -24.97 30.30 -0.89
CA MET B 186 -26.34 30.71 -0.53
C MET B 186 -26.91 31.84 -1.38
N ASN B 187 -26.07 32.80 -1.73
CA ASN B 187 -26.46 33.88 -2.64
C ASN B 187 -26.45 33.40 -4.09
N ALA B 188 -25.56 32.45 -4.39
CA ALA B 188 -25.45 31.87 -5.73
C ALA B 188 -26.61 30.93 -6.05
N ASN B 189 -27.11 30.26 -5.02
CA ASN B 189 -28.23 29.34 -5.16
C ASN B 189 -29.21 29.47 -3.99
N PRO B 190 -30.05 30.53 -4.02
CA PRO B 190 -30.94 30.90 -2.91
C PRO B 190 -31.92 29.82 -2.47
N GLU B 191 -32.38 29.00 -3.40
CA GLU B 191 -33.32 27.90 -3.10
C GLU B 191 -32.68 26.52 -3.33
N LYS B 192 -32.18 25.91 -2.26
CA LYS B 192 -32.28 26.48 -0.91
C LYS B 192 -30.94 26.76 -0.23
N ALA B 193 -30.84 27.96 0.33
CA ALA B 193 -29.81 28.31 1.29
C ALA B 193 -29.97 27.46 2.56
N GLN B 194 -31.20 27.02 2.81
CA GLN B 194 -31.57 26.25 3.99
C GLN B 194 -30.82 24.93 4.13
N GLU B 195 -30.72 24.18 3.04
CA GLU B 195 -30.03 22.89 3.01
C GLU B 195 -28.53 23.07 3.25
N ILE B 196 -27.99 24.19 2.78
CA ILE B 196 -26.59 24.52 2.96
C ILE B 196 -26.30 24.83 4.44
N LYS B 197 -27.14 25.67 5.05
CA LYS B 197 -26.99 26.00 6.46
C LYS B 197 -27.05 24.75 7.36
N GLU B 198 -28.04 23.89 7.10
CA GLU B 198 -28.23 22.66 7.90
C GLU B 198 -27.08 21.66 7.71
N ALA B 199 -26.53 21.61 6.51
CA ALA B 199 -25.41 20.72 6.21
C ALA B 199 -24.13 21.18 6.91
N ALA B 200 -23.94 22.50 6.94
CA ALA B 200 -22.77 23.10 7.58
C ALA B 200 -22.86 23.01 9.11
N ILE B 201 -24.08 23.12 9.64
CA ILE B 201 -24.32 22.95 11.08
C ILE B 201 -24.03 21.51 11.52
N ALA B 202 -24.53 20.55 10.75
CA ALA B 202 -24.28 19.13 11.03
C ALA B 202 -22.78 18.81 10.99
N ASN B 203 -22.09 19.41 10.02
CA ASN B 203 -20.64 19.27 9.90
C ASN B 203 -19.91 19.89 11.10
N ALA B 204 -20.44 20.99 11.60
CA ALA B 204 -19.88 21.67 12.78
C ALA B 204 -20.08 20.88 14.08
N ARG B 205 -21.26 20.27 14.23
CA ARG B 205 -21.58 19.52 15.44
C ARG B 205 -20.74 18.26 15.55
N GLU B 206 -20.41 17.67 14.40
CA GLU B 206 -19.56 16.48 14.36
C GLU B 206 -18.10 16.84 14.67
N LEU B 207 -17.64 17.98 14.14
CA LEU B 207 -16.28 18.46 14.39
C LEU B 207 -16.04 18.78 15.86
N ALA B 208 -17.06 19.33 16.51
CA ALA B 208 -17.02 19.66 17.94
C ALA B 208 -16.66 18.45 18.81
N LYS B 209 -17.02 17.26 18.33
CA LYS B 209 -16.74 16.02 19.06
C LYS B 209 -15.27 15.61 18.99
N ARG B 210 -14.54 16.13 18.01
CA ARG B 210 -13.13 15.75 17.84
C ARG B 210 -12.14 16.92 17.87
N PHE B 211 -12.66 18.14 18.07
CA PHE B 211 -11.83 19.35 18.07
C PHE B 211 -11.07 19.50 19.39
N THR C 2 10.75 -30.95 -8.59
CA THR C 2 10.27 -29.61 -8.16
C THR C 2 9.29 -29.75 -6.99
N LYS C 3 9.52 -28.98 -5.94
CA LYS C 3 8.69 -29.00 -4.75
C LYS C 3 7.83 -27.74 -4.65
N VAL C 4 6.52 -27.95 -4.50
CA VAL C 4 5.55 -26.84 -4.44
C VAL C 4 4.86 -26.79 -3.08
N LEU C 5 4.87 -25.61 -2.48
CA LEU C 5 4.16 -25.34 -1.24
C LEU C 5 2.80 -24.70 -1.52
N PHE C 6 1.74 -25.44 -1.24
CA PHE C 6 0.38 -24.93 -1.37
C PHE C 6 -0.04 -24.32 -0.03
N ILE C 7 0.23 -23.02 0.12
CA ILE C 7 -0.01 -22.30 1.38
C ILE C 7 -1.38 -21.62 1.38
N THR C 8 -2.28 -22.12 2.23
CA THR C 8 -3.66 -21.65 2.27
C THR C 8 -4.00 -20.97 3.59
N ALA C 9 -4.78 -19.89 3.51
CA ALA C 9 -5.19 -19.14 4.68
C ALA C 9 -6.69 -18.84 4.63
N ASN C 10 -7.49 -19.88 4.50
CA ASN C 10 -8.93 -19.76 4.57
C ASN C 10 -9.49 -20.85 5.47
N PRO C 11 -10.27 -20.47 6.51
CA PRO C 11 -10.84 -21.45 7.44
C PRO C 11 -11.94 -22.28 6.80
N ASN C 12 -12.40 -21.86 5.63
CA ASN C 12 -13.36 -22.61 4.83
C ASN C 12 -12.66 -23.45 3.77
N SER C 13 -13.29 -24.57 3.39
CA SER C 13 -12.78 -25.46 2.36
C SER C 13 -13.20 -24.99 0.97
N ALA C 14 -12.86 -25.79 -0.04
CA ALA C 14 -13.14 -25.47 -1.45
C ALA C 14 -14.63 -25.40 -1.79
N GLU C 15 -15.45 -26.16 -1.07
CA GLU C 15 -16.90 -26.06 -1.23
C GLU C 15 -17.42 -24.72 -0.71
N GLY C 16 -16.73 -24.18 0.29
CA GLY C 16 -17.19 -22.98 1.00
C GLY C 16 -16.59 -21.64 0.57
N SER C 17 -15.48 -21.65 -0.15
CA SER C 17 -14.82 -20.39 -0.53
C SER C 17 -14.47 -20.27 -2.02
N PHE C 18 -14.53 -19.05 -2.52
CA PHE C 18 -14.28 -18.76 -3.93
C PHE C 18 -12.81 -18.92 -4.31
N GLY C 19 -11.93 -18.31 -3.51
CA GLY C 19 -10.48 -18.40 -3.73
C GLY C 19 -9.96 -19.82 -3.60
N MET C 20 -10.44 -20.53 -2.60
CA MET C 20 -10.04 -21.92 -2.36
C MET C 20 -10.50 -22.84 -3.48
N ALA C 21 -11.65 -22.53 -4.08
CA ALA C 21 -12.14 -23.28 -5.24
C ALA C 21 -11.24 -23.05 -6.45
N VAL C 22 -10.84 -21.80 -6.67
CA VAL C 22 -9.89 -21.45 -7.72
C VAL C 22 -8.51 -22.04 -7.41
N GLY C 23 -8.14 -22.03 -6.12
CA GLY C 23 -6.88 -22.60 -5.66
C GLY C 23 -6.78 -24.10 -5.89
N GLU C 24 -7.87 -24.81 -5.59
CA GLU C 24 -7.95 -26.26 -5.79
C GLU C 24 -7.94 -26.61 -7.28
N ALA C 25 -8.61 -25.78 -8.09
CA ALA C 25 -8.61 -25.94 -9.53
C ALA C 25 -7.19 -25.80 -10.10
N PHE C 26 -6.42 -24.84 -9.57
CA PHE C 26 -5.04 -24.63 -10.00
C PHE C 26 -4.11 -25.78 -9.62
N ILE C 27 -4.08 -26.10 -8.32
CA ILE C 27 -3.15 -27.11 -7.81
C ILE C 27 -3.40 -28.51 -8.39
N GLU C 28 -4.66 -28.82 -8.69
CA GLU C 28 -4.99 -30.12 -9.26
C GLU C 28 -4.64 -30.17 -10.75
N ALA C 29 -4.86 -29.05 -11.45
CA ALA C 29 -4.46 -28.93 -12.85
C ALA C 29 -2.95 -28.91 -13.02
N TYR C 30 -2.26 -28.35 -12.02
CA TYR C 30 -0.79 -28.35 -12.00
C TYR C 30 -0.24 -29.76 -11.79
N LYS C 31 -0.87 -30.50 -10.87
CA LYS C 31 -0.41 -31.82 -10.46
C LYS C 31 -0.47 -32.85 -11.59
N ASN C 32 -1.51 -32.75 -12.43
CA ASN C 32 -1.62 -33.62 -13.60
C ASN C 32 -0.54 -33.32 -14.65
N GLU C 33 -0.19 -32.05 -14.78
CA GLU C 33 0.82 -31.60 -15.74
C GLU C 33 2.24 -31.94 -15.31
N HIS C 34 2.46 -31.99 -13.99
CA HIS C 34 3.76 -32.33 -13.44
C HIS C 34 3.62 -33.37 -12.35
N PRO C 35 3.32 -34.64 -12.73
CA PRO C 35 3.00 -35.69 -11.76
C PRO C 35 4.17 -36.06 -10.85
N GLN C 36 5.39 -35.73 -11.29
CA GLN C 36 6.60 -36.04 -10.53
C GLN C 36 6.79 -35.05 -9.36
N ASP C 37 6.27 -33.84 -9.52
CA ASP C 37 6.44 -32.78 -8.52
C ASP C 37 5.73 -33.07 -7.20
N GLU C 38 6.45 -32.84 -6.10
CA GLU C 38 5.90 -33.01 -4.74
C GLU C 38 5.15 -31.75 -4.34
N VAL C 39 3.88 -31.92 -3.98
CA VAL C 39 3.05 -30.80 -3.56
C VAL C 39 2.67 -30.96 -2.08
N VAL C 40 3.06 -29.98 -1.27
CA VAL C 40 2.77 -29.99 0.16
C VAL C 40 1.79 -28.88 0.51
N THR C 41 0.61 -29.28 0.99
CA THR C 41 -0.40 -28.33 1.44
C THR C 41 -0.05 -27.87 2.86
N ILE C 42 0.07 -26.56 3.02
CA ILE C 42 0.28 -25.96 4.34
C ILE C 42 -0.93 -25.07 4.63
N ASP C 43 -1.87 -25.62 5.39
CA ASP C 43 -3.05 -24.88 5.83
C ASP C 43 -2.65 -24.06 7.06
N LEU C 44 -2.61 -22.75 6.90
CA LEU C 44 -2.17 -21.86 7.96
C LEU C 44 -3.09 -21.83 9.18
N PHE C 45 -4.35 -22.22 9.00
CA PHE C 45 -5.27 -22.30 10.13
C PHE C 45 -5.12 -23.60 10.91
N ASN C 46 -4.22 -24.48 10.45
CA ASN C 46 -3.91 -25.72 11.16
C ASN C 46 -2.41 -26.01 11.23
N THR C 47 -1.60 -24.96 11.14
CA THR C 47 -0.16 -25.06 11.28
C THR C 47 0.27 -24.18 12.46
N THR C 48 1.20 -24.68 13.26
CA THR C 48 1.80 -23.88 14.34
C THR C 48 2.67 -22.79 13.71
N VAL C 49 2.16 -21.56 13.76
CA VAL C 49 2.87 -20.41 13.22
C VAL C 49 3.07 -19.38 14.33
N PRO C 50 4.15 -19.52 15.12
CA PRO C 50 4.39 -18.66 16.27
C PRO C 50 4.58 -17.20 15.89
N ALA C 51 3.82 -16.34 16.55
CA ALA C 51 4.00 -14.90 16.43
C ALA C 51 5.31 -14.53 17.10
N ILE C 52 6.06 -13.62 16.47
CA ILE C 52 7.25 -13.04 17.09
C ILE C 52 6.82 -12.26 18.34
N ASP C 53 7.32 -12.70 19.49
CA ASP C 53 6.99 -12.06 20.78
C ASP C 53 8.23 -11.97 21.68
N ALA C 54 8.01 -11.62 22.96
CA ALA C 54 9.08 -11.49 23.95
C ALA C 54 9.91 -12.77 24.10
N ASP C 55 9.24 -13.92 24.09
CA ASP C 55 9.90 -15.23 24.15
C ASP C 55 10.87 -15.47 23.00
N VAL C 56 10.44 -15.11 21.78
CA VAL C 56 11.26 -15.30 20.59
C VAL C 56 12.49 -14.38 20.61
N PHE C 57 12.30 -13.15 21.05
CA PHE C 57 13.40 -12.20 21.15
C PHE C 57 14.43 -12.61 22.20
N ALA C 58 13.94 -13.16 23.32
CA ALA C 58 14.83 -13.65 24.38
C ALA C 58 15.64 -14.86 23.92
N ALA C 59 14.99 -15.73 23.15
CA ALA C 59 15.63 -16.90 22.56
C ALA C 59 16.74 -16.48 21.60
N TRP C 60 16.43 -15.54 20.71
CA TRP C 60 17.41 -15.00 19.77
C TRP C 60 18.57 -14.35 20.46
N GLY C 61 18.30 -13.70 21.59
CA GLY C 61 19.34 -13.07 22.40
C GLY C 61 20.27 -14.09 23.03
N LYS C 62 19.71 -15.26 23.33
CA LYS C 62 20.49 -16.36 23.92
C LYS C 62 21.37 -17.07 22.89
N PHE C 63 20.88 -17.19 21.66
CA PHE C 63 21.66 -17.80 20.57
C PHE C 63 22.83 -16.92 20.16
N ALA C 64 22.57 -15.62 20.08
CA ALA C 64 23.60 -14.62 19.77
C ALA C 64 24.68 -14.57 20.87
N ALA C 65 24.28 -14.84 22.10
CA ALA C 65 25.19 -14.80 23.24
C ALA C 65 26.06 -16.05 23.35
N GLY C 66 25.93 -16.94 22.36
CA GLY C 66 26.74 -18.15 22.31
C GLY C 66 26.13 -19.33 23.05
N GLU C 67 25.00 -19.08 23.72
CA GLU C 67 24.28 -20.15 24.41
C GLU C 67 23.48 -20.98 23.42
N GLY C 68 23.24 -22.24 23.79
CA GLY C 68 22.55 -23.19 22.91
C GLY C 68 21.08 -23.35 23.25
N PHE C 69 20.48 -24.39 22.65
CA PHE C 69 19.03 -24.66 22.77
C PHE C 69 18.58 -24.93 24.21
N GLU C 70 19.48 -25.51 25.01
CA GLU C 70 19.19 -25.84 26.42
C GLU C 70 19.01 -24.60 27.31
N ALA C 71 19.49 -23.45 26.84
CA ALA C 71 19.38 -22.20 27.60
C ALA C 71 17.97 -21.63 27.58
N LEU C 72 17.16 -22.09 26.63
CA LEU C 72 15.79 -21.62 26.46
C LEU C 72 14.82 -22.35 27.39
N THR C 73 13.77 -21.65 27.82
CA THR C 73 12.65 -22.29 28.52
C THR C 73 11.93 -23.21 27.56
N GLU C 74 11.06 -24.08 28.08
CA GLU C 74 10.33 -25.04 27.25
C GLU C 74 9.46 -24.35 26.21
N VAL C 75 8.79 -23.28 26.61
CA VAL C 75 7.91 -22.53 25.72
C VAL C 75 8.73 -21.84 24.62
N GLN C 76 9.90 -21.34 24.99
CA GLN C 76 10.82 -20.71 24.03
C GLN C 76 11.33 -21.74 23.03
N GLN C 77 11.63 -22.95 23.51
CA GLN C 77 12.07 -24.05 22.66
C GLN C 77 11.00 -24.47 21.65
N GLN C 78 9.75 -24.57 22.09
CA GLN C 78 8.63 -24.98 21.25
C GLN C 78 8.32 -23.97 20.14
N LYS C 79 8.40 -22.68 20.47
CA LYS C 79 8.14 -21.61 19.52
C LYS C 79 9.22 -21.51 18.44
N VAL C 80 10.49 -21.57 18.86
CA VAL C 80 11.61 -21.48 17.93
C VAL C 80 11.75 -22.75 17.07
N ALA C 81 11.29 -23.89 17.58
CA ALA C 81 11.31 -25.15 16.83
C ALA C 81 10.30 -25.14 15.68
N ALA C 82 9.10 -24.61 15.94
CA ALA C 82 8.08 -24.45 14.91
C ALA C 82 8.45 -23.38 13.87
N MET C 83 9.06 -22.30 14.35
CA MET C 83 9.52 -21.23 13.46
C MET C 83 10.60 -21.73 12.50
N ASN C 84 11.50 -22.57 13.02
CA ASN C 84 12.53 -23.18 12.20
C ASN C 84 12.01 -24.23 11.22
N THR C 85 11.00 -24.99 11.62
CA THR C 85 10.40 -25.96 10.70
C THR C 85 9.64 -25.24 9.56
N ASN C 86 8.95 -24.15 9.89
CA ASN C 86 8.31 -23.30 8.88
C ASN C 86 9.32 -22.68 7.91
N LEU C 87 10.43 -22.20 8.47
CA LEU C 87 11.52 -21.60 7.69
C LEU C 87 12.18 -22.62 6.75
N GLU C 88 12.56 -23.78 7.28
CA GLU C 88 13.19 -24.86 6.52
C GLU C 88 12.33 -25.30 5.34
N THR C 89 11.04 -25.56 5.60
CA THR C 89 10.09 -25.99 4.59
C THR C 89 9.95 -24.98 3.45
N PHE C 90 9.85 -23.69 3.81
CA PHE C 90 9.73 -22.61 2.84
C PHE C 90 10.99 -22.47 1.97
N MET C 91 12.15 -22.50 2.63
CA MET C 91 13.44 -22.33 1.96
C MET C 91 13.73 -23.44 0.95
N ASN C 92 13.37 -24.67 1.31
CA ASN C 92 13.65 -25.83 0.47
C ASN C 92 12.71 -25.98 -0.71
N ALA C 93 11.57 -25.28 -0.67
CA ALA C 93 10.58 -25.33 -1.74
C ALA C 93 11.02 -24.50 -2.95
N ASP C 94 10.55 -24.87 -4.13
CA ASP C 94 10.87 -24.15 -5.35
C ASP C 94 9.73 -23.22 -5.76
N ARG C 95 8.51 -23.63 -5.43
CA ARG C 95 7.31 -22.87 -5.76
C ARG C 95 6.42 -22.67 -4.54
N TYR C 96 5.78 -21.50 -4.49
CA TYR C 96 4.84 -21.17 -3.44
C TYR C 96 3.52 -20.69 -4.04
N VAL C 97 2.43 -21.36 -3.67
CA VAL C 97 1.10 -20.88 -4.05
C VAL C 97 0.34 -20.43 -2.79
N PHE C 98 0.03 -19.14 -2.73
CA PHE C 98 -0.72 -18.56 -1.62
C PHE C 98 -2.19 -18.40 -2.00
N VAL C 99 -3.08 -18.95 -1.18
CA VAL C 99 -4.52 -18.77 -1.36
C VAL C 99 -5.06 -17.92 -0.21
N THR C 100 -5.66 -16.78 -0.55
CA THR C 100 -5.99 -15.75 0.43
C THR C 100 -7.34 -15.05 0.18
N PRO C 101 -8.15 -14.87 1.24
CA PRO C 101 -9.32 -14.01 1.12
C PRO C 101 -9.00 -12.58 1.54
N MET C 102 -9.71 -11.62 0.98
CA MET C 102 -9.60 -10.26 1.47
C MET C 102 -10.54 -10.06 2.64
N TRP C 103 -9.95 -9.84 3.83
CA TRP C 103 -10.70 -9.41 4.99
C TRP C 103 -10.19 -8.07 5.44
N ASN C 104 -11.08 -7.08 5.52
CA ASN C 104 -10.72 -5.77 6.04
C ASN C 104 -9.55 -5.15 5.26
N PHE C 105 -9.62 -5.23 3.93
CA PHE C 105 -8.64 -4.65 2.99
C PHE C 105 -7.23 -5.24 3.04
N SER C 106 -7.13 -6.41 3.66
CA SER C 106 -5.87 -7.16 3.70
C SER C 106 -6.15 -8.65 3.83
N TYR C 107 -5.12 -9.41 4.19
CA TYR C 107 -5.23 -10.85 4.37
C TYR C 107 -5.48 -11.20 5.85
N PRO C 108 -5.79 -12.49 6.16
CA PRO C 108 -5.87 -12.90 7.57
C PRO C 108 -4.52 -12.74 8.28
N PRO C 109 -4.53 -12.49 9.60
CA PRO C 109 -3.29 -12.23 10.35
C PRO C 109 -2.24 -13.34 10.27
N VAL C 110 -2.65 -14.60 10.20
CA VAL C 110 -1.70 -15.72 10.08
C VAL C 110 -0.75 -15.61 8.89
N VAL C 111 -1.22 -14.98 7.82
CA VAL C 111 -0.39 -14.76 6.63
C VAL C 111 0.83 -13.90 7.01
N LYS C 112 0.58 -12.83 7.76
CA LYS C 112 1.66 -11.96 8.24
C LYS C 112 2.56 -12.70 9.20
N ALA C 113 1.94 -13.45 10.11
CA ALA C 113 2.66 -14.33 11.04
C ALA C 113 3.58 -15.29 10.29
N TYR C 114 3.08 -15.85 9.20
CA TYR C 114 3.85 -16.79 8.38
C TYR C 114 5.02 -16.10 7.69
N LEU C 115 4.77 -14.90 7.17
CA LEU C 115 5.80 -14.10 6.52
C LEU C 115 6.89 -13.70 7.51
N ASP C 116 6.51 -13.46 8.76
CA ASP C 116 7.46 -13.17 9.83
C ASP C 116 8.29 -14.41 10.21
N ASN C 117 7.78 -15.59 9.87
CA ASN C 117 8.51 -16.84 10.08
C ASN C 117 9.53 -17.14 8.98
N VAL C 118 9.24 -16.67 7.77
CA VAL C 118 10.05 -17.02 6.60
C VAL C 118 11.01 -15.91 6.15
N ALA C 119 10.97 -14.77 6.83
CA ALA C 119 11.89 -13.66 6.52
C ALA C 119 12.89 -13.44 7.66
N ILE C 120 13.91 -14.29 7.71
CA ILE C 120 14.87 -14.29 8.82
C ILE C 120 16.28 -13.98 8.36
N ALA C 121 16.99 -13.20 9.18
CA ALA C 121 18.36 -12.77 8.90
C ALA C 121 19.32 -13.95 8.80
N GLY C 122 20.19 -13.90 7.80
CA GLY C 122 21.18 -14.95 7.56
C GLY C 122 20.62 -16.22 6.95
N LYS C 123 19.31 -16.22 6.66
CA LYS C 123 18.66 -17.39 6.08
C LYS C 123 17.99 -17.05 4.75
N THR C 124 17.04 -16.11 4.78
CA THR C 124 16.36 -15.67 3.56
C THR C 124 16.74 -14.25 3.13
N PHE C 125 17.41 -13.51 4.01
CA PHE C 125 18.00 -12.22 3.67
C PHE C 125 19.25 -11.94 4.50
N LYS C 126 20.07 -10.99 4.03
CA LYS C 126 21.30 -10.62 4.74
C LYS C 126 21.45 -9.10 4.82
N TYR C 127 22.20 -8.64 5.82
CA TYR C 127 22.47 -7.22 5.98
C TYR C 127 23.64 -6.75 5.11
N THR C 128 23.53 -5.53 4.59
CA THR C 128 24.64 -4.83 3.94
C THR C 128 24.76 -3.44 4.55
N GLU C 129 25.73 -2.65 4.09
CA GLU C 129 25.96 -1.28 4.59
C GLU C 129 24.73 -0.37 4.48
N ASN C 130 23.96 -0.52 3.40
CA ASN C 130 22.82 0.35 3.13
C ASN C 130 21.45 -0.36 3.07
N GLY C 131 21.28 -1.38 3.91
CA GLY C 131 19.98 -2.07 4.03
C GLY C 131 20.00 -3.56 3.75
N PRO C 132 18.93 -4.28 4.17
CA PRO C 132 18.80 -5.73 3.93
C PRO C 132 18.49 -6.09 2.47
N VAL C 133 18.96 -7.26 2.04
CA VAL C 133 18.74 -7.78 0.68
C VAL C 133 18.59 -9.31 0.66
N GLY C 134 17.68 -9.81 -0.18
CA GLY C 134 17.25 -11.21 -0.17
C GLY C 134 18.24 -12.25 -0.65
N LEU C 135 18.02 -13.50 -0.22
CA LEU C 135 18.94 -14.61 -0.48
C LEU C 135 18.35 -15.75 -1.32
N LEU C 136 17.03 -15.84 -1.38
CA LEU C 136 16.37 -16.95 -2.10
C LEU C 136 16.50 -16.83 -3.62
N GLU C 137 17.04 -17.89 -4.23
CA GLU C 137 17.25 -17.93 -5.67
C GLU C 137 16.46 -19.05 -6.31
N GLY C 138 15.97 -18.79 -7.52
CA GLY C 138 15.26 -19.80 -8.30
C GLY C 138 13.89 -20.18 -7.79
N LYS C 139 13.14 -19.18 -7.34
CA LYS C 139 11.79 -19.41 -6.83
C LYS C 139 10.73 -18.67 -7.64
N LYS C 140 9.52 -19.24 -7.67
CA LYS C 140 8.38 -18.64 -8.36
C LYS C 140 7.14 -18.75 -7.45
N ALA C 141 6.30 -17.72 -7.46
CA ALA C 141 5.12 -17.70 -6.61
C ALA C 141 3.83 -17.36 -7.34
N LEU C 142 2.72 -17.87 -6.83
CA LEU C 142 1.39 -17.43 -7.27
C LEU C 142 0.60 -16.98 -6.06
N HIS C 143 -0.14 -15.89 -6.23
CA HIS C 143 -1.09 -15.45 -5.23
C HIS C 143 -2.48 -15.44 -5.80
N ILE C 144 -3.34 -16.28 -5.21
CA ILE C 144 -4.76 -16.29 -5.55
C ILE C 144 -5.52 -15.59 -4.43
N GLN C 145 -6.22 -14.52 -4.77
CA GLN C 145 -7.00 -13.78 -3.80
C GLN C 145 -8.46 -13.61 -4.25
N ALA C 146 -9.38 -13.92 -3.34
CA ALA C 146 -10.79 -13.66 -3.55
C ALA C 146 -11.18 -12.39 -2.81
N THR C 147 -11.87 -11.48 -3.51
CA THR C 147 -12.30 -10.21 -2.93
C THR C 147 -13.78 -9.94 -3.22
N GLY C 148 -14.43 -9.22 -2.31
CA GLY C 148 -15.84 -8.88 -2.46
C GLY C 148 -16.07 -7.87 -3.57
N GLY C 149 -15.22 -6.85 -3.62
CA GLY C 149 -15.24 -5.84 -4.67
C GLY C 149 -14.12 -6.05 -5.67
N VAL C 150 -13.74 -4.98 -6.37
CA VAL C 150 -12.74 -5.04 -7.45
C VAL C 150 -11.52 -4.17 -7.13
N TYR C 151 -10.37 -4.81 -6.96
CA TYR C 151 -9.13 -4.14 -6.56
C TYR C 151 -7.99 -4.40 -7.55
N SER C 152 -8.27 -5.25 -8.53
CA SER C 152 -7.32 -5.68 -9.56
C SER C 152 -6.57 -4.53 -10.24
N GLU C 153 -7.34 -3.51 -10.60
CA GLU C 153 -6.87 -2.39 -11.39
C GLU C 153 -7.70 -1.18 -10.96
N GLY C 154 -7.25 0.02 -11.29
CA GLY C 154 -8.03 1.23 -11.02
C GLY C 154 -7.73 1.83 -9.67
N ALA C 155 -8.68 2.63 -9.17
CA ALA C 155 -8.49 3.42 -7.95
C ALA C 155 -8.24 2.59 -6.69
N TYR C 156 -8.96 1.48 -6.55
CA TYR C 156 -8.88 0.67 -5.32
C TYR C 156 -7.71 -0.33 -5.30
N ALA C 157 -6.84 -0.26 -6.30
CA ALA C 157 -5.62 -1.07 -6.32
C ALA C 157 -4.66 -0.67 -5.19
N ALA C 158 -4.72 0.61 -4.82
CA ALA C 158 -3.87 1.15 -3.74
C ALA C 158 -4.26 0.64 -2.35
N VAL C 159 -5.50 0.20 -2.19
CA VAL C 159 -5.97 -0.32 -0.90
C VAL C 159 -6.04 -1.86 -0.86
N ASP C 160 -5.43 -2.49 -1.86
CA ASP C 160 -5.34 -3.95 -1.92
C ASP C 160 -4.08 -4.41 -1.18
N PHE C 161 -4.11 -4.30 0.15
CA PHE C 161 -2.91 -4.44 0.95
C PHE C 161 -2.41 -5.88 1.11
N GLY C 162 -3.32 -6.84 1.07
CA GLY C 162 -2.95 -8.24 1.13
C GLY C 162 -2.05 -8.61 -0.06
N ARG C 163 -2.53 -8.28 -1.26
CA ARG C 163 -1.80 -8.56 -2.48
C ARG C 163 -0.45 -7.84 -2.50
N ASN C 164 -0.50 -6.52 -2.22
CA ASN C 164 0.67 -5.65 -2.35
C ASN C 164 1.76 -5.95 -1.35
N HIS C 165 1.38 -6.21 -0.10
CA HIS C 165 2.36 -6.54 0.94
C HIS C 165 2.98 -7.90 0.75
N LEU C 166 2.17 -8.90 0.41
CA LEU C 166 2.70 -10.23 0.14
C LEU C 166 3.74 -10.21 -0.98
N LYS C 167 3.46 -9.48 -2.06
CA LYS C 167 4.38 -9.35 -3.17
C LYS C 167 5.68 -8.68 -2.73
N THR C 168 5.56 -7.67 -1.86
CA THR C 168 6.72 -6.93 -1.36
C THR C 168 7.65 -7.80 -0.52
N VAL C 169 7.07 -8.58 0.40
CA VAL C 169 7.87 -9.50 1.23
C VAL C 169 8.49 -10.60 0.36
N LEU C 170 7.68 -11.22 -0.49
CA LEU C 170 8.18 -12.20 -1.46
C LEU C 170 9.30 -11.61 -2.32
N GLY C 171 9.09 -10.39 -2.82
CA GLY C 171 10.10 -9.70 -3.61
C GLY C 171 11.35 -9.38 -2.82
N PHE C 172 11.16 -9.01 -1.54
CA PHE C 172 12.26 -8.70 -0.64
C PHE C 172 13.18 -9.90 -0.36
N VAL C 173 12.60 -11.07 -0.11
CA VAL C 173 13.39 -12.27 0.17
C VAL C 173 14.03 -12.88 -1.08
N GLY C 174 13.62 -12.39 -2.25
CA GLY C 174 14.24 -12.78 -3.52
C GLY C 174 13.31 -13.45 -4.53
N VAL C 175 12.08 -13.71 -4.13
CA VAL C 175 11.09 -14.31 -5.02
C VAL C 175 10.49 -13.22 -5.92
N ASN C 176 11.19 -12.94 -7.01
CA ASN C 176 10.76 -11.89 -7.93
C ASN C 176 9.64 -12.35 -8.87
N ASP C 177 9.78 -13.56 -9.40
CA ASP C 177 8.79 -14.13 -10.33
C ASP C 177 7.50 -14.46 -9.58
N THR C 178 6.52 -13.58 -9.72
CA THR C 178 5.26 -13.72 -9.01
C THR C 178 4.09 -13.59 -9.97
N GLU C 179 3.12 -14.49 -9.83
CA GLU C 179 1.89 -14.45 -10.62
C GLU C 179 0.72 -14.08 -9.70
N TYR C 180 -0.33 -13.53 -10.30
CA TYR C 180 -1.51 -13.12 -9.54
C TYR C 180 -2.81 -13.39 -10.28
N ILE C 181 -3.76 -13.99 -9.56
CA ILE C 181 -5.12 -14.20 -10.05
C ILE C 181 -6.11 -13.66 -9.02
N ALA C 182 -7.03 -12.82 -9.49
CA ALA C 182 -8.07 -12.25 -8.65
C ALA C 182 -9.43 -12.90 -8.92
N VAL C 183 -10.08 -13.34 -7.84
CA VAL C 183 -11.46 -13.81 -7.89
C VAL C 183 -12.27 -12.70 -7.25
N GLU C 184 -12.77 -11.78 -8.07
CA GLU C 184 -13.22 -10.47 -7.58
C GLU C 184 -14.61 -10.03 -8.06
N GLY C 185 -15.29 -9.27 -7.21
CA GLY C 185 -16.57 -8.65 -7.57
C GLY C 185 -17.81 -9.50 -7.36
N MET C 186 -17.65 -10.65 -6.70
CA MET C 186 -18.78 -11.55 -6.42
C MET C 186 -19.80 -10.92 -5.49
N ASN C 187 -19.34 -10.07 -4.56
CA ASN C 187 -20.24 -9.34 -3.68
C ASN C 187 -20.84 -8.10 -4.33
N ALA C 188 -20.06 -7.46 -5.20
CA ALA C 188 -20.50 -6.26 -5.94
C ALA C 188 -21.54 -6.59 -7.01
N ASN C 189 -21.43 -7.78 -7.60
CA ASN C 189 -22.41 -8.25 -8.58
C ASN C 189 -22.74 -9.73 -8.35
N PRO C 190 -23.67 -10.02 -7.41
CA PRO C 190 -24.03 -11.38 -6.98
C PRO C 190 -24.62 -12.25 -8.09
N GLU C 191 -25.40 -11.65 -8.98
CA GLU C 191 -26.01 -12.40 -10.08
C GLU C 191 -25.00 -12.70 -11.19
N LYS C 192 -23.73 -12.35 -10.96
CA LYS C 192 -22.65 -12.59 -11.91
C LYS C 192 -21.50 -13.35 -11.22
N ALA C 193 -21.78 -13.94 -10.06
CA ALA C 193 -20.75 -14.53 -9.20
C ALA C 193 -20.20 -15.88 -9.69
N GLN C 194 -21.07 -16.72 -10.23
CA GLN C 194 -20.65 -18.04 -10.71
C GLN C 194 -19.78 -17.89 -11.96
N GLU C 195 -20.16 -16.98 -12.85
CA GLU C 195 -19.37 -16.70 -14.05
C GLU C 195 -17.99 -16.09 -13.75
N ILE C 196 -17.88 -15.36 -12.64
CA ILE C 196 -16.57 -14.86 -12.17
C ILE C 196 -15.70 -16.02 -11.72
N LYS C 197 -16.27 -16.89 -10.88
CA LYS C 197 -15.60 -18.08 -10.36
C LYS C 197 -15.07 -18.96 -11.49
N GLU C 198 -15.92 -19.23 -12.49
CA GLU C 198 -15.56 -20.10 -13.61
C GLU C 198 -14.51 -19.46 -14.54
N ALA C 199 -14.60 -18.15 -14.72
CA ALA C 199 -13.60 -17.40 -15.50
C ALA C 199 -12.24 -17.41 -14.81
N ALA C 200 -12.24 -17.33 -13.48
CA ALA C 200 -11.02 -17.40 -12.69
C ALA C 200 -10.45 -18.82 -12.66
N ILE C 201 -11.34 -19.82 -12.59
CA ILE C 201 -10.95 -21.23 -12.66
C ILE C 201 -10.27 -21.53 -13.99
N ALA C 202 -10.83 -21.01 -15.08
CA ALA C 202 -10.24 -21.14 -16.43
C ALA C 202 -8.85 -20.51 -16.50
N ASN C 203 -8.71 -19.33 -15.89
CA ASN C 203 -7.44 -18.60 -15.82
C ASN C 203 -6.38 -19.37 -15.03
N ALA C 204 -6.81 -20.05 -13.97
CA ALA C 204 -5.93 -20.88 -13.13
C ALA C 204 -5.44 -22.12 -13.88
N ARG C 205 -6.31 -22.75 -14.67
CA ARG C 205 -5.97 -23.97 -15.40
C ARG C 205 -4.98 -23.72 -16.53
N GLU C 206 -5.14 -22.58 -17.20
CA GLU C 206 -4.24 -22.16 -18.28
C GLU C 206 -2.87 -21.80 -17.72
N LEU C 207 -2.85 -21.17 -16.55
CA LEU C 207 -1.61 -20.81 -15.87
C LEU C 207 -0.82 -22.04 -15.41
N ALA C 208 -1.54 -23.06 -14.94
CA ALA C 208 -0.93 -24.30 -14.45
C ALA C 208 -0.07 -25.00 -15.49
N LYS C 209 -0.43 -24.84 -16.77
CA LYS C 209 0.30 -25.45 -17.87
C LYS C 209 1.65 -24.76 -18.10
N ARG C 210 1.80 -23.55 -17.56
CA ARG C 210 2.98 -22.73 -17.82
C ARG C 210 3.64 -22.16 -16.56
N PHE C 211 3.13 -22.54 -15.39
CA PHE C 211 3.66 -22.05 -14.12
C PHE C 211 4.93 -22.81 -13.70
N THR D 2 8.87 -31.04 -19.12
CA THR D 2 7.89 -31.11 -20.25
C THR D 2 8.57 -30.70 -21.58
N LYS D 3 7.78 -30.57 -22.65
CA LYS D 3 8.30 -30.39 -24.02
C LYS D 3 8.72 -28.97 -24.41
N VAL D 4 10.04 -28.76 -24.51
CA VAL D 4 10.61 -27.46 -24.87
C VAL D 4 11.41 -27.52 -26.19
N LEU D 5 11.16 -26.53 -27.06
CA LEU D 5 11.90 -26.34 -28.30
C LEU D 5 13.06 -25.38 -28.08
N PHE D 6 14.27 -25.84 -28.36
CA PHE D 6 15.46 -25.00 -28.26
C PHE D 6 15.82 -24.43 -29.64
N ILE D 7 15.12 -23.35 -30.02
CA ILE D 7 15.32 -22.69 -31.31
C ILE D 7 16.62 -21.90 -31.34
N THR D 8 17.49 -22.25 -32.27
CA THR D 8 18.75 -21.53 -32.43
C THR D 8 18.86 -20.93 -33.82
N ALA D 9 19.14 -19.63 -33.86
CA ALA D 9 19.33 -18.91 -35.12
C ALA D 9 20.68 -18.19 -35.14
N ASN D 10 21.74 -18.95 -34.89
CA ASN D 10 23.10 -18.45 -34.97
C ASN D 10 23.99 -19.48 -35.69
N PRO D 11 24.55 -19.09 -36.85
CA PRO D 11 25.45 -19.94 -37.63
C PRO D 11 26.71 -20.41 -36.91
N ASN D 12 27.00 -19.84 -35.74
CA ASN D 12 28.14 -20.25 -34.92
C ASN D 12 27.72 -21.00 -33.66
N SER D 13 28.62 -21.84 -33.16
CA SER D 13 28.36 -22.64 -31.96
C SER D 13 28.68 -21.87 -30.68
N ALA D 14 28.50 -22.54 -29.54
CA ALA D 14 28.75 -21.95 -28.21
C ALA D 14 30.18 -21.47 -28.01
N GLU D 15 31.10 -22.06 -28.79
CA GLU D 15 32.51 -21.67 -28.79
C GLU D 15 32.74 -20.29 -29.43
N GLY D 16 32.03 -20.02 -30.53
CA GLY D 16 32.20 -18.78 -31.26
C GLY D 16 30.99 -17.87 -31.27
N SER D 17 30.25 -17.85 -30.17
CA SER D 17 29.04 -17.04 -30.04
C SER D 17 28.62 -16.81 -28.59
N PHE D 18 28.44 -15.54 -28.22
CA PHE D 18 28.03 -15.14 -26.88
C PHE D 18 26.61 -15.60 -26.53
N GLY D 19 25.68 -15.37 -27.44
CA GLY D 19 24.29 -15.79 -27.26
C GLY D 19 24.17 -17.29 -27.13
N MET D 20 24.96 -18.01 -27.92
CA MET D 20 24.93 -19.47 -27.91
C MET D 20 25.56 -20.05 -26.64
N ALA D 21 26.58 -19.38 -26.12
CA ALA D 21 27.23 -19.79 -24.88
C ALA D 21 26.28 -19.66 -23.69
N VAL D 22 25.58 -18.54 -23.63
CA VAL D 22 24.55 -18.31 -22.60
C VAL D 22 23.36 -19.24 -22.84
N GLY D 23 22.99 -19.40 -24.11
CA GLY D 23 21.86 -20.24 -24.52
C GLY D 23 22.03 -21.70 -24.15
N GLU D 24 23.21 -22.25 -24.41
CA GLU D 24 23.50 -23.65 -24.04
C GLU D 24 23.61 -23.79 -22.53
N ALA D 25 24.14 -22.76 -21.86
CA ALA D 25 24.28 -22.76 -20.40
C ALA D 25 22.92 -22.85 -19.71
N PHE D 26 21.94 -22.11 -20.24
CA PHE D 26 20.57 -22.14 -19.75
C PHE D 26 19.96 -23.53 -19.90
N ILE D 27 20.07 -24.11 -21.09
CA ILE D 27 19.46 -25.41 -21.37
C ILE D 27 20.12 -26.54 -20.58
N GLU D 28 21.43 -26.44 -20.37
CA GLU D 28 22.17 -27.44 -19.60
C GLU D 28 21.83 -27.36 -18.11
N ALA D 29 21.65 -26.14 -17.61
CA ALA D 29 21.18 -25.94 -16.24
C ALA D 29 19.72 -26.38 -16.11
N TYR D 30 18.95 -26.19 -17.18
CA TYR D 30 17.54 -26.59 -17.23
C TYR D 30 17.37 -28.11 -17.19
N LYS D 31 18.21 -28.84 -17.95
CA LYS D 31 18.14 -30.29 -17.99
C LYS D 31 18.43 -30.92 -16.62
N ASN D 32 19.28 -30.24 -15.84
CA ASN D 32 19.65 -30.68 -14.50
C ASN D 32 18.48 -30.84 -13.55
N GLU D 33 17.45 -30.01 -13.73
CA GLU D 33 16.32 -29.96 -12.81
C GLU D 33 14.99 -30.42 -13.40
N HIS D 34 14.97 -30.65 -14.72
CA HIS D 34 13.81 -31.23 -15.38
C HIS D 34 14.25 -32.40 -16.22
N PRO D 35 14.28 -33.61 -15.64
CA PRO D 35 14.72 -34.82 -16.33
C PRO D 35 13.71 -35.35 -17.34
N GLN D 36 12.43 -35.18 -17.05
CA GLN D 36 11.35 -35.50 -17.99
C GLN D 36 11.14 -34.28 -18.89
N ASP D 37 11.73 -34.34 -20.08
CA ASP D 37 11.80 -33.17 -20.96
C ASP D 37 12.15 -33.47 -22.43
N GLU D 38 11.21 -33.23 -23.32
CA GLU D 38 11.55 -33.15 -24.74
C GLU D 38 12.25 -31.81 -24.85
N VAL D 39 13.58 -31.83 -24.86
CA VAL D 39 14.38 -30.63 -24.58
C VAL D 39 15.12 -30.04 -25.77
N VAL D 40 15.70 -30.90 -26.61
CA VAL D 40 16.56 -30.50 -27.72
C VAL D 40 16.01 -31.06 -29.04
N THR D 41 16.13 -30.37 -30.19
CA THR D 41 16.73 -29.03 -30.41
C THR D 41 16.42 -28.65 -31.87
N ILE D 42 16.45 -27.36 -32.21
CA ILE D 42 16.21 -26.94 -33.60
C ILE D 42 17.12 -25.81 -34.11
N ASP D 43 18.09 -26.22 -34.93
CA ASP D 43 19.05 -25.29 -35.53
C ASP D 43 18.46 -24.71 -36.82
N LEU D 44 18.11 -23.42 -36.77
CA LEU D 44 17.34 -22.78 -37.85
C LEU D 44 18.05 -22.66 -39.20
N PHE D 45 19.38 -22.62 -39.20
CA PHE D 45 20.11 -22.62 -40.47
C PHE D 45 20.42 -24.04 -40.98
N ASN D 46 19.94 -25.04 -40.25
CA ASN D 46 20.02 -26.45 -40.64
C ASN D 46 18.63 -27.09 -40.82
N THR D 47 17.61 -26.25 -40.93
CA THR D 47 16.22 -26.71 -41.03
C THR D 47 15.57 -26.16 -42.29
N THR D 48 14.79 -26.98 -42.97
CA THR D 48 14.06 -26.53 -44.16
C THR D 48 12.91 -25.62 -43.73
N VAL D 49 13.08 -24.33 -43.97
CA VAL D 49 12.08 -23.33 -43.60
C VAL D 49 11.64 -22.57 -44.86
N PRO D 50 10.61 -23.08 -45.56
CA PRO D 50 10.19 -22.50 -46.82
C PRO D 50 9.61 -21.10 -46.63
N ALA D 51 10.13 -20.13 -47.37
CA ALA D 51 9.60 -18.77 -47.33
C ALA D 51 8.31 -18.70 -48.13
N ILE D 52 7.38 -17.85 -47.72
CA ILE D 52 6.11 -17.69 -48.45
C ILE D 52 6.40 -17.17 -49.86
N ASP D 53 6.23 -18.06 -50.84
CA ASP D 53 6.55 -17.79 -52.23
C ASP D 53 5.30 -17.56 -53.08
N ALA D 54 5.51 -17.43 -54.40
CA ALA D 54 4.41 -17.47 -55.35
C ALA D 54 3.74 -18.85 -55.29
N ASP D 55 4.54 -19.90 -55.13
CA ASP D 55 4.05 -21.28 -55.02
C ASP D 55 3.07 -21.51 -53.87
N VAL D 56 3.38 -20.93 -52.71
CA VAL D 56 2.57 -21.15 -51.51
C VAL D 56 1.19 -20.49 -51.64
N PHE D 57 1.15 -19.29 -52.22
CA PHE D 57 -0.10 -18.55 -52.44
C PHE D 57 -1.10 -19.31 -53.33
N ALA D 58 -0.60 -19.94 -54.39
CA ALA D 58 -1.45 -20.72 -55.29
C ALA D 58 -2.01 -21.95 -54.57
N ALA D 59 -1.22 -22.53 -53.66
CA ALA D 59 -1.64 -23.66 -52.86
C ALA D 59 -2.82 -23.31 -51.95
N TRP D 60 -2.73 -22.17 -51.27
CA TRP D 60 -3.81 -21.69 -50.39
C TRP D 60 -5.08 -21.39 -51.16
N GLY D 61 -4.93 -20.78 -52.33
CA GLY D 61 -6.07 -20.42 -53.18
C GLY D 61 -6.89 -21.61 -53.67
N LYS D 62 -6.22 -22.75 -53.85
CA LYS D 62 -6.88 -23.99 -54.25
C LYS D 62 -7.68 -24.61 -53.10
N PHE D 63 -7.17 -24.46 -51.87
CA PHE D 63 -7.82 -25.00 -50.68
C PHE D 63 -9.15 -24.32 -50.36
N ALA D 64 -9.19 -22.99 -50.46
CA ALA D 64 -10.39 -22.21 -50.16
C ALA D 64 -11.55 -22.47 -51.13
N ALA D 65 -11.23 -22.74 -52.40
CA ALA D 65 -12.22 -22.91 -53.47
C ALA D 65 -13.05 -24.20 -53.36
N GLY D 66 -13.03 -24.82 -52.18
CA GLY D 66 -13.78 -26.06 -51.94
C GLY D 66 -12.96 -27.30 -52.20
N GLU D 67 -11.91 -27.15 -53.03
CA GLU D 67 -11.01 -28.25 -53.36
C GLU D 67 -9.99 -28.46 -52.24
N GLY D 68 -9.42 -29.66 -52.18
CA GLY D 68 -8.43 -29.99 -51.16
C GLY D 68 -7.03 -30.06 -51.74
N PHE D 69 -6.20 -30.94 -51.19
CA PHE D 69 -4.86 -31.19 -51.71
C PHE D 69 -4.93 -32.13 -52.93
N GLU D 70 -5.60 -31.64 -53.97
CA GLU D 70 -5.75 -32.36 -55.23
C GLU D 70 -5.24 -31.47 -56.36
N ALA D 71 -4.46 -32.06 -57.27
CA ALA D 71 -3.85 -31.36 -58.41
C ALA D 71 -2.95 -30.15 -58.04
N LEU D 72 -2.56 -30.07 -56.76
CA LEU D 72 -1.57 -29.11 -56.29
C LEU D 72 -0.20 -29.57 -56.80
N THR D 73 0.56 -28.66 -57.40
CA THR D 73 1.81 -29.01 -58.09
C THR D 73 2.89 -29.57 -57.17
N GLU D 74 3.79 -30.36 -57.75
CA GLU D 74 4.88 -31.04 -57.04
C GLU D 74 5.74 -30.10 -56.18
N VAL D 75 6.13 -28.96 -56.75
CA VAL D 75 7.01 -28.02 -56.05
C VAL D 75 6.28 -27.31 -54.90
N GLN D 76 5.00 -27.00 -55.13
CA GLN D 76 4.14 -26.43 -54.10
C GLN D 76 3.98 -27.42 -52.95
N GLN D 77 3.94 -28.71 -53.29
CA GLN D 77 3.76 -29.81 -52.34
C GLN D 77 4.94 -30.00 -51.37
N GLN D 78 6.16 -30.09 -51.89
CA GLN D 78 7.33 -30.25 -51.04
C GLN D 78 7.57 -29.05 -50.11
N LYS D 79 7.17 -27.86 -50.56
CA LYS D 79 7.24 -26.64 -49.75
C LYS D 79 6.25 -26.67 -48.58
N VAL D 80 5.00 -27.02 -48.86
CA VAL D 80 3.95 -27.06 -47.84
C VAL D 80 4.19 -28.18 -46.81
N ALA D 81 4.94 -29.21 -47.20
CA ALA D 81 5.30 -30.33 -46.34
C ALA D 81 6.27 -29.91 -45.22
N ALA D 82 7.27 -29.12 -45.58
CA ALA D 82 8.20 -28.56 -44.59
C ALA D 82 7.50 -27.50 -43.74
N MET D 83 6.58 -26.78 -44.38
CA MET D 83 5.79 -25.72 -43.75
C MET D 83 4.93 -26.25 -42.61
N ASN D 84 4.25 -27.37 -42.87
CA ASN D 84 3.38 -28.00 -41.88
C ASN D 84 4.14 -28.68 -40.74
N THR D 85 5.31 -29.23 -41.05
CA THR D 85 6.19 -29.88 -40.06
C THR D 85 6.67 -28.92 -38.97
N ASN D 86 7.16 -27.75 -39.40
CA ASN D 86 7.63 -26.74 -38.46
C ASN D 86 6.50 -26.24 -37.56
N LEU D 87 5.31 -26.09 -38.16
CA LEU D 87 4.10 -25.68 -37.44
C LEU D 87 3.70 -26.71 -36.37
N GLU D 88 3.66 -27.98 -36.74
CA GLU D 88 3.27 -29.04 -35.80
C GLU D 88 4.23 -29.13 -34.62
N THR D 89 5.52 -29.13 -34.91
CA THR D 89 6.57 -29.22 -33.88
C THR D 89 6.46 -28.08 -32.89
N PHE D 90 6.25 -26.86 -33.41
CA PHE D 90 6.04 -25.68 -32.59
C PHE D 90 4.72 -25.80 -31.81
N MET D 91 3.67 -26.21 -32.50
CA MET D 91 2.33 -26.31 -31.93
C MET D 91 2.24 -27.32 -30.79
N ASN D 92 2.91 -28.46 -30.94
CA ASN D 92 2.86 -29.54 -29.96
C ASN D 92 3.75 -29.32 -28.73
N ALA D 93 4.68 -28.38 -28.84
CA ALA D 93 5.57 -28.06 -27.72
C ALA D 93 4.90 -27.16 -26.69
N ASP D 94 5.44 -27.16 -25.47
CA ASP D 94 4.91 -26.35 -24.37
C ASP D 94 5.77 -25.13 -24.04
N ARG D 95 7.06 -25.22 -24.36
CA ARG D 95 8.01 -24.12 -24.10
C ARG D 95 8.96 -23.88 -25.26
N TYR D 96 9.34 -22.61 -25.45
CA TYR D 96 10.20 -22.20 -26.57
C TYR D 96 11.37 -21.33 -26.13
N VAL D 97 12.59 -21.75 -26.43
CA VAL D 97 13.77 -20.94 -26.17
C VAL D 97 14.37 -20.47 -27.49
N PHE D 98 14.51 -19.15 -27.64
CA PHE D 98 15.10 -18.56 -28.85
C PHE D 98 16.48 -17.98 -28.55
N VAL D 99 17.46 -18.36 -29.36
CA VAL D 99 18.82 -17.82 -29.25
C VAL D 99 19.16 -17.02 -30.52
N THR D 100 19.45 -15.73 -30.33
CA THR D 100 19.57 -14.77 -31.42
C THR D 100 20.74 -13.79 -31.22
N PRO D 101 21.55 -13.56 -32.27
CA PRO D 101 22.44 -12.40 -32.25
C PRO D 101 21.75 -11.19 -32.88
N MET D 102 22.14 -9.99 -32.48
CA MET D 102 21.66 -8.81 -33.20
C MET D 102 22.54 -8.53 -34.41
N TRP D 103 21.98 -8.83 -35.59
CA TRP D 103 22.60 -8.45 -36.85
C TRP D 103 21.84 -7.33 -37.47
N ASN D 104 22.50 -6.19 -37.63
CA ASN D 104 21.93 -5.01 -38.26
C ASN D 104 20.62 -4.57 -37.59
N PHE D 105 20.67 -4.42 -36.27
CA PHE D 105 19.53 -3.95 -35.44
C PHE D 105 18.32 -4.90 -35.40
N SER D 106 18.51 -6.13 -35.87
CA SER D 106 17.45 -7.14 -35.86
C SER D 106 18.08 -8.53 -35.75
N TYR D 107 17.28 -9.57 -35.97
CA TYR D 107 17.75 -10.95 -35.91
C TYR D 107 18.19 -11.46 -37.30
N PRO D 108 18.89 -12.60 -37.36
CA PRO D 108 19.13 -13.23 -38.66
C PRO D 108 17.81 -13.52 -39.38
N PRO D 109 17.78 -13.33 -40.72
CA PRO D 109 16.56 -13.47 -41.53
C PRO D 109 15.77 -14.77 -41.27
N VAL D 110 16.47 -15.85 -40.90
CA VAL D 110 15.85 -17.16 -40.66
C VAL D 110 14.70 -17.14 -39.66
N VAL D 111 14.81 -16.28 -38.64
CA VAL D 111 13.79 -16.19 -37.60
C VAL D 111 12.45 -15.77 -38.20
N LYS D 112 12.47 -14.74 -39.05
CA LYS D 112 11.27 -14.24 -39.69
C LYS D 112 10.60 -15.33 -40.55
N ALA D 113 11.41 -16.12 -41.23
CA ALA D 113 10.92 -17.26 -42.01
C ALA D 113 10.21 -18.25 -41.10
N TYR D 114 10.81 -18.53 -39.95
CA TYR D 114 10.24 -19.46 -38.99
C TYR D 114 8.93 -18.95 -38.39
N LEU D 115 8.89 -17.66 -38.09
CA LEU D 115 7.70 -17.04 -37.48
C LEU D 115 6.50 -17.08 -38.42
N ASP D 116 6.78 -16.92 -39.72
CA ASP D 116 5.77 -16.97 -40.76
C ASP D 116 5.21 -18.38 -40.97
N ASN D 117 6.01 -19.38 -40.62
CA ASN D 117 5.61 -20.78 -40.66
C ASN D 117 4.70 -21.20 -39.51
N VAL D 118 4.91 -20.58 -38.34
CA VAL D 118 4.25 -20.98 -37.10
C VAL D 118 2.99 -20.16 -36.77
N ALA D 119 2.71 -19.16 -37.61
CA ALA D 119 1.52 -18.33 -37.43
C ALA D 119 0.60 -18.45 -38.65
N ILE D 120 -0.20 -19.51 -38.69
CA ILE D 120 -1.10 -19.73 -39.81
C ILE D 120 -2.59 -19.75 -39.39
N ALA D 121 -3.44 -19.25 -40.29
CA ALA D 121 -4.88 -19.10 -40.01
C ALA D 121 -5.59 -20.42 -39.79
N GLY D 122 -6.48 -20.45 -38.79
CA GLY D 122 -7.22 -21.66 -38.44
C GLY D 122 -6.51 -22.56 -37.44
N LYS D 123 -5.19 -22.42 -37.35
CA LYS D 123 -4.37 -23.24 -36.46
C LYS D 123 -3.82 -22.46 -35.26
N THR D 124 -2.91 -21.52 -35.52
CA THR D 124 -2.28 -20.74 -34.46
C THR D 124 -3.09 -19.48 -34.14
N PHE D 125 -3.87 -19.03 -35.12
CA PHE D 125 -4.78 -17.90 -34.92
C PHE D 125 -6.05 -18.06 -35.77
N LYS D 126 -7.11 -17.38 -35.37
CA LYS D 126 -8.37 -17.37 -36.13
C LYS D 126 -8.82 -15.95 -36.48
N TYR D 127 -9.71 -15.85 -37.46
CA TYR D 127 -10.32 -14.57 -37.83
C TYR D 127 -11.51 -14.27 -36.92
N THR D 128 -11.72 -12.98 -36.65
CA THR D 128 -12.90 -12.52 -35.92
C THR D 128 -13.48 -11.29 -36.62
N GLU D 129 -14.67 -10.87 -36.19
CA GLU D 129 -15.26 -9.61 -36.66
C GLU D 129 -14.35 -8.41 -36.34
N ASN D 130 -13.64 -8.50 -35.21
CA ASN D 130 -12.71 -7.45 -34.79
C ASN D 130 -11.26 -7.66 -35.26
N GLY D 131 -11.04 -8.72 -36.04
CA GLY D 131 -9.70 -9.04 -36.56
C GLY D 131 -9.12 -10.31 -35.96
N PRO D 132 -7.88 -10.66 -36.36
CA PRO D 132 -7.25 -11.92 -35.95
C PRO D 132 -6.87 -11.97 -34.47
N VAL D 133 -7.13 -13.12 -33.83
CA VAL D 133 -6.72 -13.37 -32.45
C VAL D 133 -6.04 -14.74 -32.34
N GLY D 134 -5.10 -14.86 -31.40
CA GLY D 134 -4.30 -16.08 -31.23
C GLY D 134 -5.03 -17.25 -30.62
N LEU D 135 -4.44 -18.44 -30.73
CA LEU D 135 -5.08 -19.69 -30.30
C LEU D 135 -4.27 -20.52 -29.30
N LEU D 136 -2.97 -20.24 -29.19
CA LEU D 136 -2.11 -20.99 -28.28
C LEU D 136 -2.35 -20.65 -26.81
N GLU D 137 -2.54 -21.68 -26.01
CA GLU D 137 -2.75 -21.56 -24.57
C GLU D 137 -1.73 -22.38 -23.79
N GLY D 138 -1.34 -21.89 -22.62
CA GLY D 138 -0.42 -22.61 -21.74
C GLY D 138 0.99 -22.75 -22.29
N LYS D 139 1.46 -21.74 -23.01
CA LYS D 139 2.83 -21.72 -23.51
C LYS D 139 3.65 -20.60 -22.86
N LYS D 140 4.92 -20.90 -22.62
CA LYS D 140 5.89 -19.94 -22.10
C LYS D 140 7.11 -19.91 -23.04
N ALA D 141 7.76 -18.75 -23.14
CA ALA D 141 8.92 -18.58 -24.03
C ALA D 141 10.05 -17.75 -23.43
N LEU D 142 11.27 -17.99 -23.91
CA LEU D 142 12.45 -17.19 -23.53
C LEU D 142 13.23 -16.73 -24.76
N HIS D 143 13.68 -15.48 -24.72
CA HIS D 143 14.53 -14.94 -25.78
C HIS D 143 15.87 -14.49 -25.23
N ILE D 144 16.93 -15.12 -25.72
CA ILE D 144 18.30 -14.76 -25.37
C ILE D 144 18.89 -14.02 -26.58
N GLN D 145 19.46 -12.84 -26.33
CA GLN D 145 20.07 -12.03 -27.39
C GLN D 145 21.41 -11.42 -27.00
N ALA D 146 22.39 -11.54 -27.91
CA ALA D 146 23.70 -10.94 -27.74
C ALA D 146 23.82 -9.72 -28.65
N THR D 147 24.16 -8.58 -28.05
CA THR D 147 24.27 -7.32 -28.78
C THR D 147 25.61 -6.63 -28.53
N GLY D 148 26.11 -5.93 -29.54
CA GLY D 148 27.36 -5.17 -29.44
C GLY D 148 27.28 -4.02 -28.46
N GLY D 149 26.16 -3.29 -28.50
CA GLY D 149 25.91 -2.19 -27.56
C GLY D 149 24.91 -2.55 -26.47
N VAL D 150 24.31 -1.54 -25.86
CA VAL D 150 23.28 -1.74 -24.82
C VAL D 150 21.90 -1.26 -25.29
N TYR D 151 20.95 -2.20 -25.34
CA TYR D 151 19.63 -1.96 -25.94
C TYR D 151 18.46 -2.33 -25.03
N SER D 152 18.73 -3.12 -23.98
CA SER D 152 17.69 -3.59 -23.07
C SER D 152 16.96 -2.44 -22.38
N GLU D 153 17.71 -1.44 -21.94
CA GLU D 153 17.14 -0.28 -21.23
C GLU D 153 17.51 1.02 -21.94
N GLY D 154 16.65 2.02 -21.78
CA GLY D 154 16.93 3.38 -22.28
C GLY D 154 16.48 3.68 -23.69
N ALA D 155 17.03 4.75 -24.26
CA ALA D 155 16.64 5.25 -25.57
C ALA D 155 16.80 4.22 -26.70
N TYR D 156 17.85 3.41 -26.61
CA TYR D 156 18.19 2.47 -27.68
C TYR D 156 17.28 1.25 -27.76
N ALA D 157 16.35 1.13 -26.82
CA ALA D 157 15.40 0.01 -26.81
C ALA D 157 14.44 0.04 -28.00
N ALA D 158 14.14 1.25 -28.47
CA ALA D 158 13.22 1.46 -29.59
C ALA D 158 13.73 0.87 -30.92
N VAL D 159 15.03 0.58 -30.97
CA VAL D 159 15.62 -0.05 -32.16
C VAL D 159 16.11 -1.49 -31.93
N ASP D 160 15.66 -2.11 -30.84
CA ASP D 160 15.93 -3.52 -30.58
C ASP D 160 14.88 -4.38 -31.29
N PHE D 161 14.91 -4.33 -32.63
CA PHE D 161 13.85 -4.91 -33.45
C PHE D 161 13.81 -6.44 -33.41
N GLY D 162 14.95 -7.07 -33.14
CA GLY D 162 14.99 -8.52 -32.94
C GLY D 162 14.12 -8.93 -31.76
N ARG D 163 14.39 -8.32 -30.60
CA ARG D 163 13.64 -8.57 -29.38
C ARG D 163 12.15 -8.24 -29.53
N ASN D 164 11.88 -7.03 -30.01
CA ASN D 164 10.52 -6.49 -30.04
C ASN D 164 9.55 -7.23 -30.98
N HIS D 165 10.03 -7.58 -32.17
CA HIS D 165 9.19 -8.28 -33.15
C HIS D 165 8.87 -9.69 -32.74
N LEU D 166 9.88 -10.42 -32.25
CA LEU D 166 9.67 -11.79 -31.78
C LEU D 166 8.63 -11.84 -30.65
N LYS D 167 8.81 -10.96 -29.66
CA LYS D 167 7.88 -10.85 -28.54
C LYS D 167 6.44 -10.59 -29.00
N THR D 168 6.30 -9.78 -30.04
CA THR D 168 4.99 -9.40 -30.59
C THR D 168 4.29 -10.59 -31.24
N VAL D 169 4.98 -11.28 -32.14
CA VAL D 169 4.41 -12.43 -32.84
C VAL D 169 4.04 -13.54 -31.85
N LEU D 170 4.95 -13.82 -30.93
CA LEU D 170 4.69 -14.75 -29.82
C LEU D 170 3.43 -14.34 -29.06
N GLY D 171 3.30 -13.05 -28.74
CA GLY D 171 2.09 -12.51 -28.12
C GLY D 171 0.85 -12.66 -28.98
N PHE D 172 1.02 -12.48 -30.29
CA PHE D 172 -0.07 -12.61 -31.25
C PHE D 172 -0.67 -14.02 -31.29
N VAL D 173 0.20 -15.03 -31.26
CA VAL D 173 -0.21 -16.43 -31.38
C VAL D 173 -0.81 -17.00 -30.09
N GLY D 174 -0.53 -16.33 -28.97
CA GLY D 174 -1.06 -16.74 -27.67
C GLY D 174 -0.01 -16.81 -26.57
N VAL D 175 1.26 -16.88 -26.95
CA VAL D 175 2.37 -16.94 -26.00
C VAL D 175 2.58 -15.58 -25.33
N ASN D 176 1.70 -15.27 -24.39
CA ASN D 176 1.78 -14.02 -23.63
C ASN D 176 2.97 -14.00 -22.65
N ASP D 177 3.26 -15.16 -22.05
CA ASP D 177 4.32 -15.30 -21.05
C ASP D 177 5.70 -15.41 -21.70
N THR D 178 6.46 -14.32 -21.64
CA THR D 178 7.79 -14.27 -22.26
C THR D 178 8.86 -13.76 -21.29
N GLU D 179 10.05 -14.37 -21.37
CA GLU D 179 11.20 -13.95 -20.58
C GLU D 179 12.31 -13.51 -21.53
N TYR D 180 13.20 -12.66 -21.06
CA TYR D 180 14.27 -12.11 -21.89
C TYR D 180 15.59 -11.98 -21.15
N ILE D 181 16.67 -12.40 -21.83
CA ILE D 181 18.03 -12.23 -21.33
C ILE D 181 18.90 -11.56 -22.40
N ALA D 182 19.56 -10.49 -22.02
CA ALA D 182 20.43 -9.75 -22.94
C ALA D 182 21.89 -9.89 -22.54
N VAL D 183 22.70 -10.40 -23.45
CA VAL D 183 24.15 -10.35 -23.30
C VAL D 183 24.57 -9.05 -23.98
N GLU D 184 24.58 -7.98 -23.18
CA GLU D 184 24.78 -6.60 -23.65
C GLU D 184 26.25 -6.25 -23.72
N GLY D 185 26.63 -5.53 -24.78
CA GLY D 185 28.02 -5.15 -25.03
C GLY D 185 28.64 -4.28 -23.96
N MET D 186 29.89 -4.53 -23.55
CA MET D 186 30.79 -5.64 -23.96
C MET D 186 31.77 -5.27 -25.10
N ASN D 187 31.26 -4.61 -26.14
CA ASN D 187 32.13 -3.98 -27.13
C ASN D 187 32.76 -2.72 -26.53
N ALA D 188 32.10 -2.16 -25.53
CA ALA D 188 32.63 -1.03 -24.76
C ALA D 188 32.30 -1.19 -23.27
N ASN D 189 33.32 -1.37 -22.43
CA ASN D 189 34.71 -1.52 -22.88
C ASN D 189 35.10 -2.99 -23.02
N PRO D 190 35.97 -3.30 -24.01
CA PRO D 190 36.38 -4.69 -24.27
C PRO D 190 37.09 -5.36 -23.09
N GLU D 191 37.80 -4.57 -22.28
CA GLU D 191 38.56 -5.10 -21.14
C GLU D 191 37.69 -5.74 -20.06
N LYS D 192 36.48 -5.21 -19.88
CA LYS D 192 35.56 -5.75 -18.87
C LYS D 192 34.39 -6.53 -19.49
N ALA D 193 34.60 -7.01 -20.72
CA ALA D 193 33.68 -7.92 -21.36
C ALA D 193 33.66 -9.27 -20.65
N GLN D 194 34.78 -9.57 -19.98
CA GLN D 194 34.91 -10.76 -19.12
C GLN D 194 33.87 -10.76 -18.01
N GLU D 195 33.66 -9.60 -17.38
CA GLU D 195 32.71 -9.46 -16.28
C GLU D 195 31.26 -9.60 -16.73
N ILE D 196 30.96 -9.12 -17.94
CA ILE D 196 29.60 -9.21 -18.49
C ILE D 196 29.23 -10.65 -18.82
N LYS D 197 30.13 -11.37 -19.49
CA LYS D 197 29.94 -12.76 -19.90
C LYS D 197 29.55 -13.67 -18.73
N GLU D 198 30.32 -13.59 -17.65
CA GLU D 198 30.07 -14.40 -16.46
C GLU D 198 28.78 -14.00 -15.75
N ALA D 199 28.46 -12.71 -15.78
CA ALA D 199 27.24 -12.18 -15.17
C ALA D 199 25.97 -12.69 -15.85
N ALA D 200 26.03 -12.82 -17.18
CA ALA D 200 24.89 -13.31 -17.97
C ALA D 200 24.61 -14.79 -17.76
N ILE D 201 25.67 -15.59 -17.61
CA ILE D 201 25.55 -17.03 -17.34
C ILE D 201 24.88 -17.26 -15.99
N ALA D 202 25.29 -16.49 -14.98
CA ALA D 202 24.70 -16.55 -13.65
C ALA D 202 23.21 -16.21 -13.66
N ASN D 203 22.84 -15.20 -14.45
CA ASN D 203 21.45 -14.82 -14.63
C ASN D 203 20.64 -15.88 -15.36
N ALA D 204 21.26 -16.52 -16.34
CA ALA D 204 20.62 -17.58 -17.11
C ALA D 204 20.41 -18.84 -16.29
N ARG D 205 21.38 -19.18 -15.45
CA ARG D 205 21.29 -20.34 -14.57
C ARG D 205 20.22 -20.17 -13.49
N GLU D 206 20.04 -18.93 -13.02
CA GLU D 206 19.03 -18.61 -12.02
C GLU D 206 17.63 -18.73 -12.59
N LEU D 207 17.44 -18.29 -13.83
CA LEU D 207 16.16 -18.40 -14.51
C LEU D 207 15.76 -19.87 -14.72
N ALA D 208 16.75 -20.72 -14.94
CA ALA D 208 16.54 -22.15 -15.22
C ALA D 208 15.70 -22.88 -14.16
N LYS D 209 15.78 -22.43 -12.91
CA LYS D 209 14.97 -22.98 -11.83
C LYS D 209 13.54 -22.46 -11.86
N ARG D 210 13.36 -21.25 -12.37
CA ARG D 210 12.05 -20.59 -12.40
C ARG D 210 11.28 -20.90 -13.68
N PHE D 211 11.99 -21.04 -14.79
CA PHE D 211 11.39 -21.25 -16.11
C PHE D 211 10.65 -22.58 -16.19
N1 FMN E . 12.82 -1.93 9.85
C2 FMN E . 12.47 -1.55 8.58
O2 FMN E . 12.78 -0.39 8.19
N3 FMN E . 11.80 -2.37 7.76
C4 FMN E . 11.42 -3.60 8.11
O4 FMN E . 10.81 -4.35 7.32
C4A FMN E . 11.78 -4.09 9.47
N5 FMN E . 11.45 -5.33 9.91
C5A FMN E . 11.78 -5.76 11.15
C6 FMN E . 11.41 -7.04 11.57
C7 FMN E . 11.74 -7.50 12.84
C7M FMN E . 11.32 -8.89 13.24
C8 FMN E . 12.48 -6.61 13.77
C8M FMN E . 12.86 -7.06 15.16
C9 FMN E . 12.84 -5.33 13.36
C9A FMN E . 12.52 -4.86 12.09
N10 FMN E . 12.88 -3.55 11.66
C10 FMN E . 12.51 -3.15 10.35
C1' FMN E . 13.60 -2.63 12.55
C2' FMN E . 12.57 -1.97 13.48
O2' FMN E . 11.45 -1.51 12.72
C3' FMN E . 13.12 -0.81 14.31
O3' FMN E . 14.16 -1.28 15.16
C4' FMN E . 12.04 -0.17 15.19
O4' FMN E . 12.64 0.85 15.99
C5' FMN E . 11.32 -1.16 16.11
O5' FMN E . 10.35 -0.48 16.89
P FMN E . 10.58 -0.18 18.46
O1P FMN E . 10.50 -1.56 19.08
O2P FMN E . 9.45 0.73 18.87
O3P FMN E . 11.93 0.48 18.56
C1 CBD F . -19.11 -9.48 3.55
SA CBD F . -20.10 -10.72 3.41
O1A CBD F . -20.92 -10.57 2.22
O2A CBD F . -19.36 -11.95 3.31
O3A CBD F . -21.10 -10.79 4.70
C2 CBD F . -18.49 -9.18 4.88
N2 CBD F . -18.75 -9.95 5.96
C3 CBD F . -17.56 -8.02 4.99
C4 CBD F . -16.90 -7.67 6.29
O4 CBD F . -17.11 -8.36 7.31
C5 CBD F . -15.98 -6.50 6.36
C6 CBD F . -15.35 -6.16 7.57
C7 CBD F . -14.49 -5.06 7.61
C8 CBD F . -14.25 -4.28 6.46
C9 CBD F . -14.86 -4.58 5.25
C10 CBD F . -15.72 -5.68 5.15
C11 CBD F . -16.38 -6.02 3.85
O11 CBD F . -16.17 -5.33 2.84
C12 CBD F . -17.30 -7.20 3.78
C13 CBD F . -17.98 -7.56 2.49
C14 CBD F . -18.83 -8.68 2.45
NB CBD F . -17.73 -6.82 1.38
CB1 CBD F . -20.94 -5.86 -0.14
SB CBD F . -22.51 -5.88 0.22
O1B CBD F . -23.27 -6.18 -0.96
O2B CBD F . -22.77 -6.89 1.21
O3B CBD F . -22.94 -4.41 0.80
CB2 CBD F . -20.45 -5.34 -1.45
CB3 CBD F . -19.08 -5.36 -1.70
CB4 CBD F . -18.20 -5.86 -0.74
CB5 CBD F . -18.65 -6.35 0.49
CB6 CBD F . -20.02 -6.35 0.78
NC CBD F . -21.35 -4.86 -2.36
NC1 CBD F . -22.21 -3.72 -4.17
CC2 CBD F . -22.12 -2.81 -5.16
CL CBD F . -23.52 -2.55 -6.26
NC3 CBD F . -20.97 -2.10 -5.33
CC4 CBD F . -19.91 -2.31 -4.49
NC5 CBD F . -20.02 -3.22 -3.49
CC6 CBD F . -21.17 -3.94 -3.33
ND CBD F . -18.79 -1.57 -4.69
CD1 CBD F . -16.32 -1.95 -4.89
SD CBD F . -16.30 -1.92 -6.49
O1D CBD F . -16.44 -3.25 -7.02
O2D CBD F . -17.38 -1.10 -6.98
O3D CBD F . -14.89 -1.30 -7.03
CD2 CBD F . -17.59 -1.79 -4.09
CD3 CBD F . -17.50 -1.83 -2.70
CD4 CBD F . -16.27 -2.04 -2.07
CD5 CBD F . -15.10 -2.19 -2.82
CD6 CBD F . -15.13 -2.16 -4.21
N1 FMN G . -20.09 37.02 -1.49
C2 FMN G . -19.10 36.60 -2.31
O2 FMN G . -19.17 35.46 -2.81
N3 FMN G . -18.03 37.36 -2.62
C4 FMN G . -17.86 38.60 -2.12
O4 FMN G . -16.86 39.27 -2.44
C4A FMN G . -18.91 39.14 -1.20
N5 FMN G . -18.84 40.38 -0.65
C5A FMN G . -19.81 40.85 0.18
C6 FMN G . -19.71 42.13 0.74
C7 FMN G . -20.71 42.61 1.60
C7M FMN G . -20.57 43.99 2.18
C8 FMN G . -21.89 41.75 1.92
C8M FMN G . -22.99 42.22 2.84
C9 FMN G . -21.99 40.47 1.37
C9A FMN G . -20.99 39.99 0.51
N10 FMN G . -21.08 38.70 -0.06
C10 FMN G . -20.06 38.25 -0.91
C1' FMN G . -22.21 37.80 0.25
C2' FMN G . -21.89 37.17 1.61
O2' FMN G . -20.60 36.54 1.57
C3' FMN G . -22.96 36.18 2.09
O3' FMN G . -24.23 36.84 2.22
C4' FMN G . -22.58 35.56 3.43
O4' FMN G . -23.64 34.71 3.88
C5' FMN G . -22.28 36.62 4.49
O5' FMN G . -22.02 35.98 5.73
P FMN G . -23.10 36.05 6.93
O1P FMN G . -23.14 37.51 7.30
O2P FMN G . -22.49 35.18 8.00
O3P FMN G . -24.37 35.52 6.30
C1 CBD H . -24.50 40.74 -1.45
SA CBD H . -25.94 40.72 -0.75
O1A CBD H . -26.66 39.52 -1.07
O2A CBD H . -25.74 40.84 0.67
O3A CBD H . -26.79 42.03 -1.26
C2 CBD H . -23.65 41.95 -1.29
N2 CBD H . -24.09 43.01 -0.58
C3 CBD H . -22.32 41.97 -1.94
C4 CBD H . -21.43 43.17 -1.80
O4 CBD H . -21.81 44.18 -1.15
C5 CBD H . -20.10 43.16 -2.46
C6 CBD H . -19.25 44.26 -2.35
C7 CBD H . -18.00 44.23 -2.97
C8 CBD H . -17.59 43.12 -3.70
C9 CBD H . -18.40 41.98 -3.84
C10 CBD H . -19.65 41.97 -3.24
C11 CBD H . -20.54 40.78 -3.37
O11 CBD H . -20.15 39.77 -4.02
C12 CBD H . -21.88 40.77 -2.71
C13 CBD H . -22.81 39.60 -2.83
C14 CBD H . -24.05 39.64 -2.19
NB CBD H . -22.41 38.50 -3.52
CB1 CBD H . -24.97 37.40 -5.91
SB CBD H . -26.34 37.95 -6.53
O1B CBD H . -26.09 38.48 -7.84
O2B CBD H . -27.30 36.88 -6.62
O3B CBD H . -26.95 39.11 -5.55
CB2 CBD H . -24.42 36.06 -6.28
CB3 CBD H . -23.23 35.65 -5.68
CB4 CBD H . -22.58 36.50 -4.77
CB5 CBD H . -23.10 37.75 -4.41
CB6 CBD H . -24.30 38.19 -4.98
NC CBD H . -25.09 35.29 -7.19
NC1 CBD H . -25.50 33.52 -8.63
CC2 CBD H . -25.10 32.50 -9.42
CL CBD H . -26.30 31.49 -10.30
NC3 CBD H . -23.79 32.23 -9.55
CC4 CBD H . -22.86 32.97 -8.90
NC5 CBD H . -23.27 33.99 -8.10
CC6 CBD H . -24.60 34.27 -7.96
ND CBD H . -21.57 32.61 -9.10
CD1 CBD H . -19.59 31.95 -7.79
SD CBD H . -19.89 30.39 -7.97
O1D CBD H . -21.15 30.08 -7.37
O2D CBD H . -19.93 30.06 -9.37
O3D CBD H . -18.71 29.52 -7.25
CD2 CBD H . -20.49 32.99 -8.37
CD3 CBD H . -20.17 34.34 -8.18
CD4 CBD H . -19.05 34.70 -7.44
CD5 CBD H . -18.22 33.72 -6.88
CD6 CBD H . -18.48 32.36 -7.05
N1 FMN I . -14.48 -7.70 0.60
C2 FMN I . -13.88 -6.55 0.23
O2 FMN I . -13.98 -6.20 -0.97
N3 FMN I . -13.20 -5.78 1.10
C4 FMN I . -13.08 -6.10 2.40
O4 FMN I . -12.43 -5.35 3.17
C4A FMN I . -13.70 -7.36 2.88
N5 FMN I . -13.64 -7.77 4.17
C5A FMN I . -14.23 -8.92 4.58
C6 FMN I . -14.15 -9.33 5.92
C7 FMN I . -14.75 -10.51 6.35
C7M FMN I . -14.63 -10.91 7.79
C8 FMN I . -15.50 -11.36 5.37
C8M FMN I . -16.18 -12.64 5.79
C9 FMN I . -15.60 -10.95 4.05
C9A FMN I . -14.99 -9.77 3.61
N10 FMN I . -15.08 -9.35 2.25
C10 FMN I . -14.44 -8.15 1.88
C1' FMN I . -15.78 -10.14 1.23
C2' FMN I . -14.81 -11.22 0.74
O2' FMN I . -13.59 -10.62 0.26
C3' FMN I . -15.39 -12.09 -0.36
O3' FMN I . -16.66 -12.62 0.05
C4' FMN I . -14.45 -13.24 -0.73
O4' FMN I . -15.10 -14.12 -1.65
C5' FMN I . -14.03 -14.07 0.48
O5' FMN I . -13.05 -15.01 0.04
P FMN I . -13.36 -16.58 0.08
O1P FMN I . -13.44 -16.92 1.54
O2P FMN I . -12.15 -17.21 -0.60
O3P FMN I . -14.67 -16.71 -0.66
C1 CBD J . 16.63 -5.32 12.34
SA CBD J . 17.45 -5.13 13.71
O1A CBD J . 17.05 -3.88 14.32
O2A CBD J . 17.18 -6.19 14.62
O3A CBD J . 19.06 -5.06 13.40
C2 CBD J . 15.88 -6.59 12.08
N2 CBD J . 15.88 -7.61 12.97
C3 CBD J . 15.13 -6.72 10.80
C4 CBD J . 14.36 -7.97 10.49
O4 CBD J . 14.35 -8.92 11.31
C5 CBD J . 13.61 -8.07 9.20
C6 CBD J . 12.89 -9.21 8.88
C7 CBD J . 12.20 -9.28 7.67
C8 CBD J . 12.23 -8.22 6.77
C9 CBD J . 12.93 -7.05 7.04
C10 CBD J . 13.64 -6.94 8.23
C11 CBD J . 14.40 -5.70 8.54
O11 CBD J . 14.40 -4.75 7.72
C12 CBD J . 15.15 -5.59 9.83
C13 CBD J . 15.92 -4.36 10.17
C14 CBD J . 16.60 -4.28 11.40
NB CBD J . 15.92 -3.33 9.28
CB1 CBD J . 19.36 -2.18 8.81
SB CBD J . 20.84 -2.67 9.20
O1B CBD J . 21.39 -3.41 8.11
O2B CBD J . 21.67 -1.52 9.48
O3B CBD J . 20.78 -3.61 10.54
CB2 CBD J . 19.11 -0.94 8.03
CB3 CBD J . 17.79 -0.59 7.74
CB4 CBD J . 16.74 -1.41 8.17
CB5 CBD J . 16.98 -2.58 8.89
CB6 CBD J . 18.28 -2.97 9.21
NC CBD J . 20.19 -0.18 7.65
NC1 CBD J . 21.38 1.52 6.63
CC2 CBD J . 21.54 2.47 5.68
CL CBD J . 23.03 3.47 5.67
NC3 CBD J . 20.57 2.66 4.76
CC4 CBD J . 19.44 1.91 4.79
NC5 CBD J . 19.29 0.94 5.74
CC6 CBD J . 20.26 0.76 6.67
ND CBD J . 18.48 2.12 3.83
CD1 CBD J . 16.08 2.71 3.92
SD CBD J . 16.35 4.28 3.83
O1D CBD J . 17.10 4.73 4.97
O2D CBD J . 17.10 4.56 2.64
O3D CBD J . 14.93 5.07 3.77
CD2 CBD J . 17.19 1.72 3.91
CD3 CBD J . 16.88 0.35 3.97
CD4 CBD J . 15.55 -0.06 4.05
CD5 CBD J . 14.50 0.88 4.05
CD6 CBD J . 14.76 2.25 3.99
N1 FMN K . 26.09 -5.17 -32.90
C2 FMN K . 25.24 -4.15 -32.59
O2 FMN K . 25.33 -3.61 -31.47
N3 FMN K . 24.30 -3.70 -33.45
C4 FMN K . 24.14 -4.22 -34.67
O4 FMN K . 23.26 -3.77 -35.44
C4A FMN K . 25.03 -5.34 -35.09
N5 FMN K . 24.93 -5.93 -36.31
C5A FMN K . 25.74 -6.94 -36.66
C6 FMN K . 25.61 -7.51 -37.94
C7 FMN K . 26.44 -8.55 -38.34
C7M FMN K . 26.24 -9.13 -39.73
C8 FMN K . 27.48 -9.07 -37.41
C8M FMN K . 28.38 -10.20 -37.81
C9 FMN K . 27.62 -8.51 -36.14
C9A FMN K . 26.79 -7.45 -35.72
N10 FMN K . 26.92 -6.86 -34.44
C10 FMN K . 26.05 -5.80 -34.10
C1' FMN K . 27.91 -7.33 -33.45
C2' FMN K . 27.38 -8.60 -32.77
O2' FMN K . 25.95 -8.65 -32.85
C3' FMN K . 27.82 -8.78 -31.30
O3' FMN K . 29.23 -8.60 -31.17
C4' FMN K . 27.38 -10.11 -30.66
O4' FMN K . 28.26 -10.48 -29.59
C5' FMN K . 27.28 -11.30 -31.62
O5' FMN K . 26.34 -12.27 -31.12
P FMN K . 26.77 -13.81 -30.88
O1P FMN K . 26.94 -14.36 -32.27
O2P FMN K . 25.60 -14.44 -30.15
O3P FMN K . 28.03 -13.70 -30.07
C1 CBD L . 31.25 -5.59 -34.77
SA CBD L . 32.53 -6.37 -34.23
O1A CBD L . 33.05 -5.71 -33.06
O2A CBD L . 32.17 -7.73 -33.90
O3A CBD L . 33.67 -6.37 -35.40
C2 CBD L . 30.63 -5.99 -36.07
N2 CBD L . 31.15 -7.00 -36.80
C3 CBD L . 29.43 -5.24 -36.56
C4 CBD L . 28.77 -5.58 -37.85
O4 CBD L . 29.21 -6.52 -38.56
C5 CBD L . 27.58 -4.81 -38.30
C6 CBD L . 26.93 -5.10 -39.50
C7 CBD L . 25.81 -4.37 -39.89
C8 CBD L . 25.32 -3.33 -39.10
C9 CBD L . 25.92 -2.99 -37.88
C10 CBD L . 27.04 -3.69 -37.45
C11 CBD L . 27.70 -3.35 -36.16
O11 CBD L . 27.27 -2.42 -35.44
C12 CBD L . 28.91 -4.13 -35.72
C13 CBD L . 29.59 -3.81 -34.43
C14 CBD L . 30.70 -4.55 -34.02
NB CBD L . 29.11 -2.79 -33.65
CB1 CBD L . 31.88 -1.05 -32.02
SB CBD L . 33.42 -0.70 -32.30
O1B CBD L . 34.07 -1.85 -32.85
O2B CBD L . 33.50 0.39 -33.23
O3B CBD L . 34.18 -0.28 -30.90
CB2 CBD L . 31.21 -0.62 -30.76
CB3 CBD L . 29.87 -0.97 -30.58
CB4 CBD L . 29.19 -1.69 -31.56
CB5 CBD L . 29.82 -2.09 -32.74
CB6 CBD L . 31.16 -1.76 -32.96
NC CBD L . 31.89 0.08 -29.82
NC1 CBD L . 32.28 1.79 -28.28
CC2 CBD L . 31.86 2.82 -27.52
CL CBD L . 33.03 3.69 -26.46
NC3 CBD L . 30.56 3.19 -27.57
CC4 CBD L . 29.68 2.53 -28.36
NC5 CBD L . 30.12 1.50 -29.12
CC6 CBD L . 31.42 1.12 -29.09
ND CBD L . 28.38 2.93 -28.39
CD1 CBD L . 26.16 1.79 -28.44
SD CBD L . 25.95 1.89 -26.84
O1D CBD L . 26.36 0.67 -26.22
O2D CBD L . 26.72 2.97 -26.29
O3D CBD L . 24.36 2.13 -26.56
CD2 CBD L . 27.40 2.33 -29.10
CD3 CBD L . 27.49 2.21 -30.50
CD4 CBD L . 26.48 1.60 -31.23
CD5 CBD L . 25.34 1.10 -30.60
CD6 CBD L . 25.17 1.20 -29.22
#